data_3IVD
#
_entry.id   3IVD
#
_cell.length_a   47.597
_cell.length_b   67.281
_cell.length_c   86.417
_cell.angle_alpha   74.04
_cell.angle_beta   77.55
_cell.angle_gamma   83.76
#
_symmetry.space_group_name_H-M   'P 1'
#
loop_
_entity.id
_entity.type
_entity.pdbx_description
1 polymer Nucleotidase
2 non-polymer 'FE (III) ION'
3 non-polymer 'MANGANESE (II) ION'
4 non-polymer URIDINE
5 non-polymer 'CHLORIDE ION'
6 water water
#
_entity_poly.entity_id   1
_entity_poly.type   'polypeptide(L)'
_entity_poly.pdbx_seq_one_letter_code
;(MSE)SLAKDVTIIYTNDLHAHVEPYKVPWIADGKRDIGGWANITTLVKQEKAKNKATWFFDAGDYFTGPYISSLTKGKA
IIDI(MSE)NT(MSE)PFDAVTIGNHEFDHGWDNTLLQLSQAKFPIVQGNIFYQNSSKSFWDKPYTIIEKDGVKIGVIGL
HGVFAFNDTVSAATRVGIEARDEIKWLQRYIDELKGKVDLTVALIHEGVPARQSS(MSE)GGTDVRRALDKDIQTASQVK
GLDILITGHAHVGTPEPIKVGNTLILSTDSGGIDVGKLVLDYKEKPHNFTVKNFELKTIYADEWKPDQQTKQVIDGWNKK
LDEVVQQTVAQSPVELKRAYGESASLGNLAADALLAAAGKNTQLALTNSGGIRNEIPAGAIT(MSE)GGVISTFPFPNEL
VT(MSE)ELTGKQLRSL(MSE)EHGASLSNGVLQVSKGLE(MSE)KYDSSKPVGQRVITLTLNGKPIEDATVYHIATQSF
LADGGDGFTAFTEGKARNITGGYYVYHAVVDYFKAGNTITDEQLNG(MSE)RVKDIKEGHHHHHH
;
_entity_poly.pdbx_strand_id   A,B
#
loop_
_chem_comp.id
_chem_comp.type
_chem_comp.name
_chem_comp.formula
CL non-polymer 'CHLORIDE ION' 'Cl -1'
FE non-polymer 'FE (III) ION' 'Fe 3'
MN non-polymer 'MANGANESE (II) ION' 'Mn 2'
URI non-polymer URIDINE 'C9 H12 N2 O6'
#
# COMPACT_ATOMS: atom_id res chain seq x y z
N LEU A 3 -49.09 -14.26 -43.74
CA LEU A 3 -47.89 -13.42 -43.99
C LEU A 3 -46.94 -13.32 -42.78
N ALA A 4 -47.32 -13.89 -41.63
CA ALA A 4 -46.46 -13.86 -40.45
C ALA A 4 -45.21 -14.74 -40.62
N LYS A 5 -44.06 -14.17 -40.26
CA LYS A 5 -42.77 -14.72 -40.65
C LYS A 5 -41.81 -14.85 -39.45
N ASP A 6 -41.11 -15.99 -39.38
CA ASP A 6 -40.03 -16.18 -38.42
C ASP A 6 -38.78 -15.42 -38.87
N VAL A 7 -38.42 -14.40 -38.11
CA VAL A 7 -37.21 -13.64 -38.38
C VAL A 7 -36.23 -13.97 -37.28
N THR A 8 -35.04 -14.40 -37.66
CA THR A 8 -34.10 -14.93 -36.70
C THR A 8 -32.83 -14.10 -36.75
N ILE A 9 -32.42 -13.58 -35.61
CA ILE A 9 -31.17 -12.85 -35.53
C ILE A 9 -30.20 -13.63 -34.66
N ILE A 10 -29.04 -13.96 -35.20
CA ILE A 10 -28.03 -14.65 -34.45
C ILE A 10 -26.91 -13.62 -34.28
N TYR A 11 -26.25 -13.57 -33.14
CA TYR A 11 -25.25 -12.51 -32.99
C TYR A 11 -24.12 -12.95 -32.07
N THR A 12 -22.95 -12.35 -32.27
CA THR A 12 -21.82 -12.48 -31.38
C THR A 12 -21.29 -11.09 -31.10
N ASN A 13 -20.36 -11.00 -30.17
CA ASN A 13 -19.60 -9.77 -29.99
C ASN A 13 -18.29 -10.15 -29.35
N ASP A 14 -17.24 -9.35 -29.53
CA ASP A 14 -16.01 -9.52 -28.75
C ASP A 14 -15.42 -10.93 -28.91
N LEU A 15 -15.38 -11.43 -30.15
CA LEU A 15 -14.85 -12.77 -30.42
C LEU A 15 -13.37 -12.84 -30.11
N HIS A 16 -12.67 -11.73 -30.26
CA HIS A 16 -11.27 -11.60 -29.84
C HIS A 16 -10.32 -12.70 -30.35
N ALA A 17 -10.42 -13.04 -31.63
CA ALA A 17 -9.42 -13.89 -32.24
C ALA A 17 -9.36 -15.26 -31.61
N HIS A 18 -10.38 -15.65 -30.87
CA HIS A 18 -10.40 -17.00 -30.30
C HIS A 18 -10.86 -18.03 -31.33
N VAL A 19 -10.06 -18.18 -32.38
CA VAL A 19 -10.53 -18.89 -33.57
C VAL A 19 -10.68 -20.39 -33.35
N GLU A 20 -9.91 -20.96 -32.42
CA GLU A 20 -10.03 -22.40 -32.12
C GLU A 20 -10.60 -22.61 -30.74
N PRO A 21 -11.23 -23.78 -30.50
CA PRO A 21 -11.78 -24.10 -29.19
C PRO A 21 -10.71 -24.00 -28.12
N TYR A 22 -11.11 -23.55 -26.93
CA TYR A 22 -10.14 -23.30 -25.89
C TYR A 22 -10.74 -23.50 -24.51
N LYS A 23 -9.88 -23.57 -23.50
CA LYS A 23 -10.34 -23.78 -22.13
C LYS A 23 -10.53 -22.44 -21.41
N VAL A 24 -11.53 -22.38 -20.54
CA VAL A 24 -11.78 -21.23 -19.69
C VAL A 24 -11.77 -21.73 -18.24
N PRO A 25 -10.89 -21.16 -17.39
CA PRO A 25 -10.74 -21.67 -16.01
C PRO A 25 -12.07 -21.77 -15.23
N TRP A 26 -12.96 -20.80 -15.41
CA TRP A 26 -14.25 -20.81 -14.71
C TRP A 26 -15.37 -21.57 -15.42
N ILE A 27 -15.05 -22.29 -16.49
CA ILE A 27 -16.03 -23.16 -17.13
C ILE A 27 -15.54 -24.62 -17.04
N ALA A 28 -16.33 -25.48 -16.41
CA ALA A 28 -15.94 -26.88 -16.20
C ALA A 28 -14.50 -27.00 -15.67
N ASP A 29 -14.12 -26.07 -14.79
CA ASP A 29 -12.77 -26.03 -14.23
C ASP A 29 -11.65 -26.09 -15.27
N GLY A 30 -11.90 -25.54 -16.45
CA GLY A 30 -10.87 -25.48 -17.48
C GLY A 30 -10.57 -26.81 -18.15
N LYS A 31 -11.51 -27.74 -18.07
CA LYS A 31 -11.30 -29.11 -18.53
C LYS A 31 -12.16 -29.44 -19.76
N ARG A 32 -12.91 -28.47 -20.25
CA ARG A 32 -13.78 -28.68 -21.38
C ARG A 32 -13.66 -27.57 -22.44
N ASP A 33 -13.34 -27.95 -23.67
CA ASP A 33 -13.19 -26.98 -24.77
C ASP A 33 -14.47 -26.23 -25.12
N ILE A 34 -14.37 -24.90 -25.16
CA ILE A 34 -15.52 -24.12 -25.57
C ILE A 34 -15.18 -23.26 -26.80
N GLY A 35 -16.20 -22.76 -27.49
CA GLY A 35 -16.01 -21.86 -28.62
C GLY A 35 -15.45 -22.54 -29.86
N GLY A 36 -14.72 -21.78 -30.66
CA GLY A 36 -14.24 -22.26 -31.96
C GLY A 36 -15.10 -21.65 -33.07
N TRP A 37 -14.48 -20.85 -33.94
CA TRP A 37 -15.21 -20.15 -34.98
C TRP A 37 -15.79 -21.11 -36.01
N ALA A 38 -15.05 -22.19 -36.28
CA ALA A 38 -15.54 -23.25 -37.18
C ALA A 38 -16.81 -23.87 -36.63
N ASN A 39 -16.90 -24.03 -35.30
CA ASN A 39 -18.16 -24.51 -34.68
C ASN A 39 -19.27 -23.47 -34.81
N ILE A 40 -18.95 -22.21 -34.59
CA ILE A 40 -19.95 -21.16 -34.76
C ILE A 40 -20.50 -21.11 -36.22
N THR A 41 -19.63 -21.41 -37.18
CA THR A 41 -20.01 -21.36 -38.59
C THR A 41 -21.06 -22.44 -38.88
N THR A 42 -20.82 -23.63 -38.34
CA THR A 42 -21.79 -24.71 -38.49
C THR A 42 -23.10 -24.31 -37.85
N LEU A 43 -23.02 -23.66 -36.68
CA LEU A 43 -24.26 -23.27 -35.99
C LEU A 43 -25.09 -22.36 -36.88
N VAL A 44 -24.44 -21.34 -37.44
CA VAL A 44 -25.12 -20.35 -38.23
C VAL A 44 -25.60 -20.90 -39.58
N LYS A 45 -24.73 -21.65 -40.26
CA LYS A 45 -25.12 -22.28 -41.52
C LYS A 45 -26.37 -23.16 -41.33
N GLN A 46 -26.41 -23.91 -40.24
CA GLN A 46 -27.58 -24.77 -39.95
C GLN A 46 -28.84 -23.95 -39.70
N GLU A 47 -28.70 -22.81 -39.03
CA GLU A 47 -29.85 -21.95 -38.79
C GLU A 47 -30.35 -21.32 -40.10
N LYS A 48 -29.41 -20.94 -40.95
CA LYS A 48 -29.73 -20.27 -42.20
C LYS A 48 -30.35 -21.25 -43.19
N ALA A 49 -29.91 -22.51 -43.16
CA ALA A 49 -30.56 -23.57 -43.94
C ALA A 49 -32.03 -23.83 -43.55
N LYS A 50 -32.36 -23.64 -42.29
CA LYS A 50 -33.73 -23.93 -41.81
C LYS A 50 -34.71 -22.80 -42.05
N ASN A 51 -34.20 -21.59 -42.14
CA ASN A 51 -35.07 -20.44 -42.13
C ASN A 51 -34.40 -19.38 -42.98
N LYS A 52 -35.07 -18.95 -44.04
CA LYS A 52 -34.46 -18.04 -45.00
C LYS A 52 -34.19 -16.70 -44.32
N ALA A 53 -35.13 -16.27 -43.48
CA ALA A 53 -35.03 -14.95 -42.89
C ALA A 53 -34.19 -15.03 -41.61
N THR A 54 -32.89 -15.26 -41.80
CA THR A 54 -31.93 -15.45 -40.71
C THR A 54 -30.69 -14.58 -40.94
N TRP A 55 -30.40 -13.73 -39.96
CA TRP A 55 -29.26 -12.78 -40.03
C TRP A 55 -28.20 -13.11 -38.98
N PHE A 56 -26.92 -12.89 -39.32
CA PHE A 56 -25.82 -13.09 -38.40
C PHE A 56 -25.04 -11.77 -38.24
N PHE A 57 -25.03 -11.19 -37.03
CA PHE A 57 -24.36 -9.89 -36.79
C PHE A 57 -23.30 -10.00 -35.71
N ASP A 58 -22.30 -9.11 -35.75
CA ASP A 58 -21.28 -9.06 -34.70
C ASP A 58 -20.96 -7.60 -34.31
N ALA A 59 -20.87 -7.35 -33.01
CA ALA A 59 -20.74 -5.96 -32.52
C ALA A 59 -19.30 -5.52 -32.26
N GLY A 60 -18.36 -6.15 -32.96
CA GLY A 60 -16.97 -5.72 -32.92
C GLY A 60 -16.04 -6.43 -31.97
N ASP A 61 -14.76 -6.04 -32.05
CA ASP A 61 -13.66 -6.67 -31.28
C ASP A 61 -13.43 -8.14 -31.66
N TYR A 62 -13.35 -8.40 -32.97
CA TYR A 62 -12.96 -9.73 -33.45
C TYR A 62 -11.44 -9.86 -33.51
N PHE A 63 -10.72 -8.73 -33.56
CA PHE A 63 -9.26 -8.71 -33.42
C PHE A 63 -8.81 -8.83 -31.95
N THR A 64 -7.58 -9.27 -31.78
CA THR A 64 -6.79 -9.12 -30.57
C THR A 64 -7.06 -10.14 -29.47
N GLY A 65 -6.07 -10.97 -29.23
CA GLY A 65 -6.24 -12.14 -28.36
C GLY A 65 -5.15 -13.11 -28.72
N PRO A 66 -5.52 -14.38 -28.99
CA PRO A 66 -4.54 -15.34 -29.47
C PRO A 66 -3.66 -14.78 -30.61
N TYR A 67 -2.41 -15.22 -30.63
CA TYR A 67 -1.36 -14.64 -31.48
C TYR A 67 -1.67 -14.56 -32.98
N ILE A 68 -2.61 -15.38 -33.45
CA ILE A 68 -2.99 -15.36 -34.87
C ILE A 68 -3.44 -13.98 -35.31
N SER A 69 -4.05 -13.20 -34.41
CA SER A 69 -4.41 -11.83 -34.74
C SER A 69 -3.20 -10.88 -34.73
N SER A 70 -2.56 -10.73 -33.58
CA SER A 70 -1.39 -9.83 -33.45
C SER A 70 -0.29 -10.03 -34.50
N LEU A 71 0.14 -11.27 -34.72
CA LEU A 71 1.26 -11.50 -35.64
C LEU A 71 0.91 -11.27 -37.11
N THR A 72 -0.37 -11.11 -37.42
CA THR A 72 -0.80 -10.78 -38.80
C THR A 72 -1.51 -9.45 -38.88
N LYS A 73 -1.45 -8.67 -37.81
CA LYS A 73 -2.21 -7.44 -37.66
C LYS A 73 -3.67 -7.54 -38.01
N GLY A 74 -4.24 -8.72 -37.77
CA GLY A 74 -5.65 -8.91 -37.98
C GLY A 74 -6.04 -9.47 -39.34
N LYS A 75 -5.08 -9.56 -40.24
CA LYS A 75 -5.32 -10.07 -41.60
C LYS A 75 -5.90 -11.50 -41.56
N ALA A 76 -5.29 -12.34 -40.73
CA ALA A 76 -5.76 -13.72 -40.65
C ALA A 76 -7.17 -13.75 -40.15
N ILE A 77 -7.52 -12.84 -39.24
CA ILE A 77 -8.89 -12.78 -38.67
C ILE A 77 -9.94 -12.47 -39.75
N ILE A 78 -9.67 -11.46 -40.57
CA ILE A 78 -10.55 -11.14 -41.71
C ILE A 78 -10.66 -12.34 -42.67
N ASP A 79 -9.51 -12.98 -42.95
CA ASP A 79 -9.51 -14.19 -43.79
CA ASP A 79 -9.50 -14.16 -43.80
C ASP A 79 -10.42 -15.28 -43.28
N ILE A 80 -10.36 -15.53 -41.97
CA ILE A 80 -11.20 -16.55 -41.38
C ILE A 80 -12.67 -16.09 -41.38
N MSE A 81 -12.88 -14.81 -41.11
CA MSE A 81 -14.25 -14.28 -41.10
C MSE A 81 -14.85 -14.32 -42.49
O MSE A 81 -16.06 -14.42 -42.61
CB MSE A 81 -14.32 -12.88 -40.52
CG MSE A 81 -13.99 -12.84 -38.98
SE MSE A 81 -13.84 -11.00 -38.42
CE MSE A 81 -15.71 -10.56 -38.43
N ASN A 82 -14.02 -14.23 -43.51
CA ASN A 82 -14.50 -14.35 -44.90
C ASN A 82 -15.13 -15.73 -45.22
N THR A 83 -14.88 -16.73 -44.39
CA THR A 83 -15.48 -18.08 -44.57
C THR A 83 -16.74 -18.25 -43.73
N MSE A 84 -17.16 -17.20 -43.03
CA MSE A 84 -18.29 -17.31 -42.14
C MSE A 84 -19.45 -16.43 -42.64
O MSE A 84 -19.25 -15.33 -43.18
CB MSE A 84 -17.90 -16.93 -40.69
CG MSE A 84 -16.65 -17.66 -40.15
SE MSE A 84 -15.91 -16.85 -38.51
CE MSE A 84 -17.40 -17.25 -37.24
N PRO A 85 -20.68 -16.88 -42.43
CA PRO A 85 -21.82 -16.18 -43.02
C PRO A 85 -22.30 -14.90 -42.30
N PHE A 86 -21.37 -13.97 -42.00
CA PHE A 86 -21.77 -12.70 -41.43
C PHE A 86 -22.59 -11.88 -42.43
N ASP A 87 -23.67 -11.31 -41.96
CA ASP A 87 -24.41 -10.33 -42.74
C ASP A 87 -23.99 -8.90 -42.48
N ALA A 88 -23.52 -8.61 -41.28
CA ALA A 88 -22.93 -7.30 -41.01
C ALA A 88 -22.20 -7.30 -39.66
N VAL A 89 -21.12 -6.52 -39.58
CA VAL A 89 -20.39 -6.30 -38.34
C VAL A 89 -20.03 -4.82 -38.21
N THR A 90 -19.69 -4.41 -37.01
CA THR A 90 -19.20 -3.07 -36.83
C THR A 90 -17.73 -3.10 -36.44
N ILE A 91 -17.19 -1.96 -36.01
CA ILE A 91 -15.75 -1.91 -35.74
C ILE A 91 -15.57 -1.58 -34.27
N GLY A 92 -14.86 -2.42 -33.54
CA GLY A 92 -14.66 -2.20 -32.09
C GLY A 92 -13.32 -1.54 -31.81
N ASN A 93 -13.00 -1.27 -30.55
CA ASN A 93 -11.76 -0.55 -30.28
C ASN A 93 -10.56 -1.36 -30.67
N HIS A 94 -10.64 -2.69 -30.54
CA HIS A 94 -9.47 -3.51 -30.84
C HIS A 94 -9.10 -3.62 -32.31
N GLU A 95 -10.04 -3.27 -33.18
CA GLU A 95 -9.73 -3.22 -34.61
C GLU A 95 -8.69 -2.13 -34.91
N PHE A 96 -8.48 -1.22 -33.96
CA PHE A 96 -7.52 -0.13 -34.09
C PHE A 96 -6.14 -0.41 -33.51
N ASP A 97 -5.93 -1.63 -32.99
CA ASP A 97 -4.71 -1.92 -32.15
C ASP A 97 -3.38 -1.80 -32.88
N HIS A 98 -3.43 -1.96 -34.20
CA HIS A 98 -2.24 -1.85 -35.02
C HIS A 98 -2.21 -0.58 -35.85
N GLY A 99 -3.03 0.40 -35.47
CA GLY A 99 -3.08 1.71 -36.14
C GLY A 99 -4.31 1.79 -37.03
N TRP A 100 -4.83 3.00 -37.23
CA TRP A 100 -6.06 3.14 -37.99
C TRP A 100 -5.86 2.93 -39.48
N ASP A 101 -4.65 3.17 -39.94
CA ASP A 101 -4.34 2.80 -41.31
C ASP A 101 -4.43 1.30 -41.52
N ASN A 102 -3.97 0.52 -40.53
CA ASN A 102 -4.12 -0.93 -40.60
C ASN A 102 -5.59 -1.34 -40.58
N THR A 103 -6.38 -0.61 -39.79
CA THR A 103 -7.82 -0.90 -39.75
C THR A 103 -8.43 -0.81 -41.14
N LEU A 104 -8.16 0.30 -41.83
CA LEU A 104 -8.66 0.47 -43.19
C LEU A 104 -8.13 -0.65 -44.11
N LEU A 105 -6.83 -0.86 -44.08
CA LEU A 105 -6.19 -1.89 -44.93
C LEU A 105 -6.82 -3.28 -44.75
N GLN A 106 -6.92 -3.74 -43.51
CA GLN A 106 -7.41 -5.11 -43.27
C GLN A 106 -8.89 -5.25 -43.51
N LEU A 107 -9.67 -4.30 -43.00
CA LEU A 107 -11.12 -4.41 -43.13
C LEU A 107 -11.60 -4.21 -44.57
N SER A 108 -10.79 -3.52 -45.38
CA SER A 108 -11.06 -3.42 -46.84
C SER A 108 -11.16 -4.79 -47.51
N GLN A 109 -10.53 -5.81 -46.92
CA GLN A 109 -10.51 -7.16 -47.46
C GLN A 109 -11.72 -8.01 -47.12
N ALA A 110 -12.63 -7.48 -46.28
CA ALA A 110 -13.77 -8.23 -45.82
C ALA A 110 -14.74 -8.42 -46.96
N LYS A 111 -15.29 -9.62 -47.11
CA LYS A 111 -16.33 -9.86 -48.09
C LYS A 111 -17.75 -9.68 -47.53
N PHE A 112 -17.86 -9.39 -46.23
CA PHE A 112 -19.16 -9.15 -45.60
C PHE A 112 -19.25 -7.65 -45.33
N PRO A 113 -20.49 -7.13 -45.19
CA PRO A 113 -20.67 -5.70 -44.88
C PRO A 113 -20.12 -5.29 -43.49
N ILE A 114 -19.43 -4.16 -43.44
CA ILE A 114 -18.96 -3.53 -42.22
C ILE A 114 -19.56 -2.13 -42.10
N VAL A 115 -20.22 -1.88 -40.97
CA VAL A 115 -20.88 -0.60 -40.76
C VAL A 115 -20.26 0.22 -39.61
N GLN A 116 -20.05 1.50 -39.84
CA GLN A 116 -19.46 2.32 -38.80
C GLN A 116 -19.78 3.75 -39.19
N GLY A 117 -20.66 4.41 -38.42
CA GLY A 117 -21.13 5.74 -38.80
C GLY A 117 -20.83 6.90 -37.86
N ASN A 118 -19.89 6.76 -36.93
CA ASN A 118 -19.61 7.91 -36.04
C ASN A 118 -18.15 8.15 -35.70
N ILE A 119 -17.25 7.53 -36.43
CA ILE A 119 -15.83 7.88 -36.33
C ILE A 119 -15.45 8.80 -37.49
N PHE A 120 -14.78 9.90 -37.17
CA PHE A 120 -14.46 10.95 -38.13
C PHE A 120 -13.01 11.38 -38.02
N TYR A 121 -12.49 11.99 -39.08
CA TYR A 121 -11.25 12.72 -38.93
C TYR A 121 -11.48 13.94 -38.03
N GLN A 122 -10.56 14.18 -37.10
CA GLN A 122 -10.67 15.33 -36.23
C GLN A 122 -10.68 16.64 -37.04
N ASN A 123 -11.46 17.61 -36.57
CA ASN A 123 -11.66 18.91 -37.20
C ASN A 123 -12.01 18.81 -38.66
N SER A 124 -12.85 17.81 -38.97
CA SER A 124 -13.28 17.52 -40.32
C SER A 124 -14.69 16.94 -40.26
N SER A 125 -15.46 17.12 -41.33
CA SER A 125 -16.68 16.40 -41.42
C SER A 125 -16.48 15.04 -42.09
N LYS A 126 -15.26 14.68 -42.46
CA LYS A 126 -15.06 13.47 -43.25
C LYS A 126 -15.19 12.21 -42.39
N SER A 127 -15.96 11.21 -42.82
CA SER A 127 -16.06 10.00 -41.99
CA SER A 127 -16.08 9.98 -42.04
C SER A 127 -14.85 9.08 -42.23
N PHE A 128 -14.49 8.34 -41.19
CA PHE A 128 -13.39 7.37 -41.26
C PHE A 128 -13.73 6.19 -42.18
N TRP A 129 -14.91 5.60 -41.95
CA TRP A 129 -15.38 4.45 -42.72
C TRP A 129 -16.40 4.95 -43.75
N ASP A 130 -16.70 4.17 -44.76
CA ASP A 130 -17.52 4.73 -45.86
C ASP A 130 -19.01 4.46 -45.71
N LYS A 131 -19.38 3.59 -44.76
CA LYS A 131 -20.69 3.01 -44.71
C LYS A 131 -21.21 3.08 -43.27
N PRO A 132 -22.09 4.06 -42.98
CA PRO A 132 -22.60 4.26 -41.63
C PRO A 132 -23.65 3.22 -41.28
N TYR A 133 -24.39 2.78 -42.29
CA TYR A 133 -25.39 1.74 -42.11
C TYR A 133 -25.62 1.06 -43.43
N THR A 134 -26.38 -0.03 -43.38
CA THR A 134 -26.67 -0.75 -44.60
C THR A 134 -28.00 -1.49 -44.46
N ILE A 135 -28.59 -1.88 -45.58
CA ILE A 135 -29.88 -2.58 -45.54
C ILE A 135 -29.73 -4.00 -46.06
N ILE A 136 -30.04 -4.98 -45.22
CA ILE A 136 -29.91 -6.36 -45.63
C ILE A 136 -31.27 -7.05 -45.63
N GLU A 137 -31.70 -7.42 -46.85
CA GLU A 137 -33.05 -7.97 -47.08
C GLU A 137 -32.98 -9.47 -47.34
N LYS A 138 -33.89 -10.22 -46.70
CA LYS A 138 -33.99 -11.66 -46.85
C LYS A 138 -35.46 -12.03 -46.79
N ASP A 139 -35.94 -12.72 -47.82
CA ASP A 139 -37.33 -13.20 -47.84
C ASP A 139 -38.34 -12.06 -47.67
N GLY A 140 -38.10 -10.93 -48.35
CA GLY A 140 -39.00 -9.77 -48.30
C GLY A 140 -38.94 -8.92 -47.03
N VAL A 141 -38.05 -9.29 -46.11
CA VAL A 141 -37.86 -8.54 -44.86
C VAL A 141 -36.53 -7.76 -44.89
N LYS A 142 -36.63 -6.44 -44.76
CA LYS A 142 -35.49 -5.56 -44.84
C LYS A 142 -35.03 -5.13 -43.45
N ILE A 143 -33.79 -5.42 -43.11
CA ILE A 143 -33.25 -4.95 -41.84
C ILE A 143 -32.19 -3.89 -42.11
N GLY A 144 -32.36 -2.73 -41.49
CA GLY A 144 -31.33 -1.70 -41.54
C GLY A 144 -30.42 -1.87 -40.34
N VAL A 145 -29.10 -1.88 -40.59
CA VAL A 145 -28.13 -2.16 -39.52
C VAL A 145 -27.16 -0.99 -39.45
N ILE A 146 -27.08 -0.37 -38.27
CA ILE A 146 -26.25 0.81 -38.03
C ILE A 146 -25.05 0.39 -37.17
N GLY A 147 -23.87 0.95 -37.44
CA GLY A 147 -22.70 0.62 -36.64
C GLY A 147 -22.18 1.85 -35.93
N LEU A 148 -21.92 1.77 -34.62
CA LEU A 148 -21.49 2.95 -33.82
C LEU A 148 -20.50 2.58 -32.71
N HIS A 149 -19.60 3.50 -32.37
CA HIS A 149 -18.69 3.30 -31.25
C HIS A 149 -18.93 4.38 -30.18
N GLY A 150 -19.05 3.98 -28.92
CA GLY A 150 -19.21 4.98 -27.83
C GLY A 150 -17.99 5.88 -27.77
N VAL A 151 -18.21 7.19 -27.59
CA VAL A 151 -17.14 8.15 -27.53
C VAL A 151 -16.27 7.86 -26.32
N PHE A 152 -16.90 7.67 -25.16
CA PHE A 152 -16.14 7.37 -23.95
C PHE A 152 -15.24 6.15 -24.11
N ALA A 153 -15.83 5.05 -24.55
CA ALA A 153 -15.08 3.84 -24.76
C ALA A 153 -13.99 4.00 -25.81
N PHE A 154 -14.24 4.79 -26.84
CA PHE A 154 -13.21 5.01 -27.86
C PHE A 154 -12.03 5.73 -27.23
N ASN A 155 -12.30 6.82 -26.52
CA ASN A 155 -11.19 7.55 -25.88
C ASN A 155 -10.50 6.77 -24.77
N ASP A 156 -11.27 5.93 -24.08
CA ASP A 156 -10.79 5.14 -22.93
C ASP A 156 -9.87 4.00 -23.36
N THR A 157 -10.19 3.32 -24.46
CA THR A 157 -9.56 2.04 -24.77
C THR A 157 -8.82 1.94 -26.10
N VAL A 158 -8.88 2.95 -26.95
CA VAL A 158 -8.05 2.95 -28.14
C VAL A 158 -6.76 3.65 -27.76
N SER A 159 -5.62 2.97 -27.97
CA SER A 159 -4.32 3.56 -27.67
C SER A 159 -4.15 4.91 -28.39
N ALA A 160 -3.64 5.91 -27.69
CA ALA A 160 -3.45 7.23 -28.31
C ALA A 160 -2.70 7.20 -29.65
N ALA A 161 -1.64 6.41 -29.72
CA ALA A 161 -0.77 6.32 -30.88
C ALA A 161 -1.46 5.73 -32.11
N THR A 162 -2.55 5.01 -31.89
CA THR A 162 -3.27 4.35 -33.00
C THR A 162 -4.50 5.11 -33.48
N ARG A 163 -4.80 6.25 -32.86
CA ARG A 163 -5.97 7.03 -33.29
C ARG A 163 -5.64 8.50 -33.47
N VAL A 164 -4.37 8.79 -33.81
CA VAL A 164 -3.98 10.18 -34.06
C VAL A 164 -4.78 10.72 -35.24
N GLY A 165 -5.56 11.76 -34.96
CA GLY A 165 -6.26 12.52 -35.97
C GLY A 165 -7.66 12.01 -36.28
N ILE A 166 -8.12 10.98 -35.55
CA ILE A 166 -9.48 10.45 -35.69
C ILE A 166 -10.18 10.42 -34.31
N GLU A 167 -11.50 10.34 -34.30
CA GLU A 167 -12.24 10.40 -33.03
C GLU A 167 -13.65 9.89 -33.28
N ALA A 168 -14.28 9.33 -32.25
CA ALA A 168 -15.71 8.99 -32.28
C ALA A 168 -16.48 10.23 -31.87
N ARG A 169 -17.70 10.40 -32.38
CA ARG A 169 -18.49 11.59 -32.03
C ARG A 169 -19.86 11.16 -31.53
N ASP A 170 -20.41 11.98 -30.61
CA ASP A 170 -21.68 11.75 -29.93
C ASP A 170 -22.54 10.61 -30.51
N GLU A 171 -22.45 9.42 -29.91
CA GLU A 171 -23.10 8.25 -30.48
C GLU A 171 -24.63 8.40 -30.50
N ILE A 172 -25.18 9.13 -29.52
CA ILE A 172 -26.62 9.26 -29.38
C ILE A 172 -27.18 10.12 -30.51
N LYS A 173 -26.50 11.23 -30.79
CA LYS A 173 -26.84 12.09 -31.91
C LYS A 173 -26.83 11.33 -33.25
N TRP A 174 -25.78 10.55 -33.53
CA TRP A 174 -25.70 9.83 -34.79
C TRP A 174 -26.69 8.66 -34.88
N LEU A 175 -26.89 7.96 -33.78
CA LEU A 175 -27.86 6.88 -33.75
C LEU A 175 -29.26 7.38 -34.13
N GLN A 176 -29.69 8.49 -33.53
CA GLN A 176 -31.04 9.00 -33.84
C GLN A 176 -31.12 9.48 -35.29
N ARG A 177 -30.04 10.10 -35.78
CA ARG A 177 -29.96 10.52 -37.18
C ARG A 177 -30.17 9.35 -38.13
N TYR A 178 -29.46 8.25 -37.86
CA TYR A 178 -29.54 7.13 -38.76
C TYR A 178 -30.86 6.40 -38.62
N ILE A 179 -31.38 6.32 -37.40
CA ILE A 179 -32.72 5.78 -37.18
C ILE A 179 -33.70 6.54 -38.08
N ASP A 180 -33.62 7.88 -38.01
CA ASP A 180 -34.53 8.75 -38.76
C ASP A 180 -34.32 8.61 -40.25
N GLU A 181 -33.08 8.41 -40.69
CA GLU A 181 -32.84 8.23 -42.12
C GLU A 181 -33.41 6.92 -42.65
N LEU A 182 -33.50 5.90 -41.80
CA LEU A 182 -33.95 4.57 -42.23
C LEU A 182 -35.47 4.41 -42.11
N LYS A 183 -36.11 5.33 -41.42
CA LYS A 183 -37.53 5.20 -41.14
C LYS A 183 -38.30 5.19 -42.46
N GLY A 184 -39.14 4.18 -42.68
CA GLY A 184 -39.87 4.05 -43.94
C GLY A 184 -39.13 3.28 -45.01
N LYS A 185 -37.88 2.91 -44.75
CA LYS A 185 -37.09 2.16 -45.74
C LYS A 185 -36.83 0.71 -45.32
N VAL A 186 -37.11 0.40 -44.06
CA VAL A 186 -36.82 -0.93 -43.52
C VAL A 186 -37.95 -1.43 -42.65
N ASP A 187 -37.98 -2.75 -42.50
CA ASP A 187 -38.90 -3.44 -41.62
C ASP A 187 -38.44 -3.38 -40.15
N LEU A 188 -37.13 -3.45 -39.94
CA LEU A 188 -36.56 -3.49 -38.60
C LEU A 188 -35.25 -2.72 -38.59
N THR A 189 -35.01 -2.04 -37.47
CA THR A 189 -33.81 -1.24 -37.32
C THR A 189 -32.97 -1.82 -36.20
N VAL A 190 -31.74 -2.21 -36.52
CA VAL A 190 -30.81 -2.82 -35.57
C VAL A 190 -29.59 -1.90 -35.43
N ALA A 191 -29.11 -1.69 -34.21
CA ALA A 191 -27.82 -0.99 -34.05
C ALA A 191 -26.78 -1.87 -33.39
N LEU A 192 -25.57 -1.89 -33.97
CA LEU A 192 -24.45 -2.64 -33.43
C LEU A 192 -23.57 -1.59 -32.79
N ILE A 193 -23.51 -1.57 -31.47
CA ILE A 193 -22.88 -0.45 -30.80
C ILE A 193 -21.81 -0.96 -29.87
N HIS A 194 -20.60 -0.44 -30.05
CA HIS A 194 -19.50 -0.86 -29.23
C HIS A 194 -19.28 0.21 -28.17
N GLU A 195 -19.65 -0.07 -26.93
CA GLU A 195 -19.72 1.01 -25.92
C GLU A 195 -19.72 0.52 -24.47
N GLY A 196 -19.42 1.41 -23.53
CA GLY A 196 -19.61 1.09 -22.09
C GLY A 196 -18.31 0.96 -21.34
N VAL A 197 -18.31 0.15 -20.28
CA VAL A 197 -17.09 -0.11 -19.51
C VAL A 197 -16.34 -1.27 -20.14
N PRO A 198 -14.99 -1.26 -20.03
CA PRO A 198 -14.25 -2.37 -20.64
C PRO A 198 -14.45 -3.69 -19.88
N ALA A 199 -14.24 -4.81 -20.56
CA ALA A 199 -14.44 -6.12 -19.96
C ALA A 199 -13.41 -6.34 -18.87
N ARG A 200 -13.79 -7.12 -17.86
CA ARG A 200 -12.80 -7.51 -16.86
C ARG A 200 -11.87 -8.52 -17.56
N GLN A 201 -10.58 -8.44 -17.24
CA GLN A 201 -9.60 -9.40 -17.72
C GLN A 201 -9.10 -10.15 -16.51
N SER A 202 -9.56 -11.39 -16.41
CA SER A 202 -9.40 -12.19 -15.19
C SER A 202 -9.52 -13.68 -15.43
N SER A 203 -8.77 -14.46 -14.67
CA SER A 203 -8.88 -15.93 -14.68
C SER A 203 -10.01 -16.40 -13.77
N MSE A 204 -10.54 -15.48 -12.95
CA MSE A 204 -11.58 -15.82 -11.97
C MSE A 204 -13.01 -15.64 -12.42
O MSE A 204 -13.92 -16.13 -11.77
CB MSE A 204 -11.39 -15.05 -10.67
CG MSE A 204 -10.35 -15.63 -9.77
SE MSE A 204 -9.78 -14.31 -8.43
CE MSE A 204 -11.49 -14.01 -7.50
N GLY A 205 -13.24 -14.92 -13.51
CA GLY A 205 -14.59 -14.73 -13.98
C GLY A 205 -15.34 -13.67 -13.19
N GLY A 206 -16.64 -13.88 -13.02
CA GLY A 206 -17.58 -12.86 -12.53
C GLY A 206 -17.44 -12.27 -11.13
N THR A 207 -16.74 -12.94 -10.22
CA THR A 207 -16.51 -12.32 -8.90
C THR A 207 -15.38 -11.28 -8.91
N ASP A 208 -14.63 -11.19 -10.01
CA ASP A 208 -13.47 -10.30 -10.04
C ASP A 208 -13.83 -8.97 -10.73
N VAL A 209 -14.41 -8.03 -9.96
CA VAL A 209 -14.92 -6.73 -10.41
C VAL A 209 -16.24 -6.84 -11.20
N ARG A 210 -17.28 -6.16 -10.70
CA ARG A 210 -18.59 -6.21 -11.37
C ARG A 210 -18.52 -5.51 -12.71
N ARG A 211 -19.19 -6.06 -13.71
CA ARG A 211 -19.34 -5.42 -15.02
C ARG A 211 -20.81 -5.53 -15.42
N ALA A 212 -21.38 -4.45 -15.91
CA ALA A 212 -22.81 -4.42 -16.23
C ALA A 212 -23.01 -3.69 -17.56
N LEU A 213 -24.27 -3.62 -18.02
CA LEU A 213 -24.61 -2.97 -19.29
C LEU A 213 -25.40 -1.65 -19.10
N ASP A 214 -25.03 -0.86 -18.10
CA ASP A 214 -25.76 0.37 -17.82
C ASP A 214 -25.72 1.35 -19.00
N LYS A 215 -24.55 1.52 -19.63
CA LYS A 215 -24.42 2.43 -20.77
C LYS A 215 -25.45 2.16 -21.88
N ASP A 216 -25.68 0.88 -22.16
CA ASP A 216 -26.58 0.45 -23.24
C ASP A 216 -28.05 0.71 -22.90
N ILE A 217 -28.40 0.50 -21.65
CA ILE A 217 -29.72 0.85 -21.15
C ILE A 217 -29.90 2.37 -21.31
N GLN A 218 -28.89 3.13 -20.93
CA GLN A 218 -28.93 4.58 -21.12
C GLN A 218 -29.17 4.94 -22.59
N THR A 219 -28.40 4.34 -23.49
CA THR A 219 -28.48 4.62 -24.93
C THR A 219 -29.89 4.35 -25.49
N ALA A 220 -30.41 3.16 -25.24
CA ALA A 220 -31.76 2.79 -25.65
C ALA A 220 -32.77 3.81 -25.13
N SER A 221 -32.61 4.27 -23.91
CA SER A 221 -33.62 5.16 -23.36
C SER A 221 -33.47 6.59 -23.90
N GLN A 222 -32.40 6.88 -24.63
CA GLN A 222 -32.18 8.21 -25.19
C GLN A 222 -32.59 8.32 -26.67
N VAL A 223 -33.03 7.22 -27.29
CA VAL A 223 -33.43 7.27 -28.69
C VAL A 223 -34.82 6.69 -28.90
N LYS A 224 -35.48 7.07 -30.00
CA LYS A 224 -36.78 6.51 -30.36
C LYS A 224 -36.74 5.78 -31.70
N GLY A 225 -37.40 4.63 -31.78
CA GLY A 225 -37.50 3.90 -33.04
C GLY A 225 -36.40 2.86 -33.27
N LEU A 226 -35.63 2.54 -32.24
CA LEU A 226 -34.67 1.43 -32.35
C LEU A 226 -35.32 0.15 -31.87
N ASP A 227 -35.27 -0.89 -32.70
CA ASP A 227 -35.85 -2.18 -32.37
C ASP A 227 -34.90 -3.05 -31.55
N ILE A 228 -33.66 -3.17 -32.02
CA ILE A 228 -32.68 -4.03 -31.38
C ILE A 228 -31.35 -3.29 -31.22
N LEU A 229 -30.76 -3.42 -30.05
CA LEU A 229 -29.42 -2.92 -29.81
C LEU A 229 -28.55 -4.13 -29.47
N ILE A 230 -27.61 -4.46 -30.36
CA ILE A 230 -26.62 -5.48 -30.04
C ILE A 230 -25.34 -4.78 -29.57
N THR A 231 -24.91 -5.08 -28.35
CA THR A 231 -23.74 -4.39 -27.79
C THR A 231 -22.50 -5.27 -27.64
N GLY A 232 -21.34 -4.64 -27.78
CA GLY A 232 -20.11 -5.32 -27.43
C GLY A 232 -19.26 -4.34 -26.67
N HIS A 233 -18.20 -4.84 -26.05
CA HIS A 233 -17.17 -4.08 -25.31
C HIS A 233 -17.07 -4.50 -23.84
N ALA A 234 -18.22 -4.67 -23.19
CA ALA A 234 -18.21 -5.06 -21.75
C ALA A 234 -18.08 -6.58 -21.50
N HIS A 235 -18.26 -7.38 -22.56
CA HIS A 235 -18.28 -8.86 -22.44
C HIS A 235 -19.27 -9.38 -21.40
N VAL A 236 -20.47 -8.80 -21.37
CA VAL A 236 -21.53 -9.23 -20.45
C VAL A 236 -22.70 -9.74 -21.26
N GLY A 237 -22.97 -11.04 -21.18
CA GLY A 237 -24.03 -11.65 -21.97
C GLY A 237 -25.40 -11.34 -21.38
N THR A 238 -26.45 -11.51 -22.19
CA THR A 238 -27.82 -11.26 -21.75
C THR A 238 -28.59 -12.58 -21.92
N PRO A 239 -28.70 -13.37 -20.85
CA PRO A 239 -29.46 -14.64 -20.90
C PRO A 239 -30.94 -14.46 -21.30
N GLU A 240 -31.48 -13.28 -21.02
CA GLU A 240 -32.76 -12.85 -21.62
C GLU A 240 -32.54 -11.48 -22.20
N PRO A 241 -33.29 -11.14 -23.26
CA PRO A 241 -33.23 -9.77 -23.80
C PRO A 241 -33.56 -8.75 -22.71
N ILE A 242 -32.81 -7.65 -22.68
CA ILE A 242 -33.15 -6.54 -21.78
C ILE A 242 -34.06 -5.55 -22.54
N LYS A 243 -35.28 -5.38 -22.04
CA LYS A 243 -36.24 -4.48 -22.66
C LYS A 243 -36.12 -3.07 -22.07
N VAL A 244 -35.98 -2.08 -22.94
CA VAL A 244 -35.98 -0.69 -22.54
C VAL A 244 -36.91 0.02 -23.51
N GLY A 245 -38.06 0.47 -23.01
CA GLY A 245 -39.08 0.99 -23.91
C GLY A 245 -39.43 -0.13 -24.86
N ASN A 246 -39.36 0.14 -26.15
CA ASN A 246 -39.62 -0.87 -27.16
C ASN A 246 -38.35 -1.44 -27.84
N THR A 247 -37.21 -1.28 -27.19
CA THR A 247 -35.93 -1.77 -27.71
C THR A 247 -35.52 -3.01 -26.94
N LEU A 248 -35.00 -4.02 -27.65
CA LEU A 248 -34.34 -5.16 -27.02
C LEU A 248 -32.81 -4.99 -27.04
N ILE A 249 -32.17 -5.16 -25.89
CA ILE A 249 -30.70 -5.10 -25.80
C ILE A 249 -30.15 -6.51 -25.67
N LEU A 250 -29.19 -6.87 -26.53
CA LEU A 250 -28.67 -8.23 -26.58
C LEU A 250 -27.15 -8.21 -26.51
N SER A 251 -26.57 -9.20 -25.82
CA SER A 251 -25.11 -9.31 -25.85
C SER A 251 -24.64 -10.72 -25.53
N THR A 252 -23.34 -10.99 -25.69
CA THR A 252 -22.79 -12.29 -25.29
C THR A 252 -21.66 -12.08 -24.29
N ASP A 253 -21.21 -13.18 -23.70
CA ASP A 253 -20.08 -13.19 -22.79
C ASP A 253 -18.71 -13.10 -23.47
N SER A 254 -18.71 -13.01 -24.80
CA SER A 254 -17.46 -12.82 -25.56
C SER A 254 -16.65 -14.08 -25.89
N GLY A 255 -15.69 -13.91 -26.83
CA GLY A 255 -14.74 -14.97 -27.20
C GLY A 255 -15.37 -16.26 -27.77
N GLY A 256 -16.61 -16.17 -28.22
CA GLY A 256 -17.32 -17.34 -28.74
C GLY A 256 -17.73 -18.32 -27.65
N ILE A 257 -17.76 -17.87 -26.38
CA ILE A 257 -18.22 -18.73 -25.29
C ILE A 257 -19.71 -19.07 -25.48
N ASP A 258 -20.50 -18.07 -25.85
CA ASP A 258 -21.88 -18.31 -26.22
C ASP A 258 -22.28 -17.51 -27.48
N VAL A 259 -23.37 -17.90 -28.11
CA VAL A 259 -23.88 -17.24 -29.28
C VAL A 259 -25.36 -16.98 -29.01
N GLY A 260 -25.83 -15.76 -29.28
CA GLY A 260 -27.22 -15.43 -29.02
C GLY A 260 -28.10 -15.76 -30.24
N LYS A 261 -29.32 -16.18 -29.98
CA LYS A 261 -30.27 -16.44 -31.05
C LYS A 261 -31.67 -15.98 -30.63
N LEU A 262 -32.15 -14.98 -31.34
CA LEU A 262 -33.42 -14.35 -31.10
C LEU A 262 -34.32 -14.68 -32.28
N VAL A 263 -35.45 -15.32 -31.99
CA VAL A 263 -36.43 -15.62 -33.01
C VAL A 263 -37.61 -14.71 -32.78
N LEU A 264 -37.98 -13.96 -33.80
CA LEU A 264 -39.09 -13.04 -33.72
C LEU A 264 -40.19 -13.51 -34.64
N ASP A 265 -41.42 -13.30 -34.20
CA ASP A 265 -42.55 -13.36 -35.11
C ASP A 265 -42.76 -11.95 -35.68
N TYR A 266 -42.70 -11.83 -37.00
CA TYR A 266 -42.81 -10.54 -37.65
C TYR A 266 -43.97 -10.49 -38.62
N LYS A 267 -44.75 -9.42 -38.59
CA LYS A 267 -45.71 -9.18 -39.67
C LYS A 267 -45.67 -7.76 -40.24
N GLU A 268 -45.34 -7.64 -41.52
CA GLU A 268 -45.11 -6.33 -42.13
C GLU A 268 -46.37 -5.50 -42.12
N LYS A 269 -47.50 -6.12 -42.51
CA LYS A 269 -48.80 -5.42 -42.59
C LYS A 269 -49.13 -4.64 -41.33
N PRO A 270 -49.61 -5.30 -40.26
CA PRO A 270 -49.59 -4.49 -39.06
C PRO A 270 -48.15 -4.56 -38.59
N HIS A 271 -47.36 -3.52 -38.80
CA HIS A 271 -45.93 -3.63 -38.59
C HIS A 271 -45.64 -3.96 -37.11
N ASN A 272 -45.31 -5.22 -36.87
CA ASN A 272 -45.19 -5.71 -35.51
C ASN A 272 -44.14 -6.79 -35.46
N PHE A 273 -43.30 -6.75 -34.44
CA PHE A 273 -42.53 -7.92 -34.07
C PHE A 273 -42.78 -8.30 -32.61
N THR A 274 -42.87 -9.59 -32.35
CA THR A 274 -42.96 -10.09 -30.98
CA THR A 274 -42.95 -10.08 -30.99
C THR A 274 -41.89 -11.15 -30.79
N VAL A 275 -41.33 -11.20 -29.59
CA VAL A 275 -40.30 -12.20 -29.31
C VAL A 275 -40.91 -13.57 -29.23
N LYS A 276 -40.42 -14.48 -30.04
CA LYS A 276 -41.00 -15.79 -30.06
C LYS A 276 -40.15 -16.74 -29.19
N ASN A 277 -38.83 -16.64 -29.31
CA ASN A 277 -37.92 -17.46 -28.53
C ASN A 277 -36.57 -16.73 -28.42
N PHE A 278 -35.90 -16.83 -27.28
CA PHE A 278 -34.51 -16.36 -27.18
C PHE A 278 -33.62 -17.38 -26.47
N GLU A 279 -32.42 -17.60 -26.99
CA GLU A 279 -31.47 -18.45 -26.28
C GLU A 279 -30.04 -17.91 -26.40
N LEU A 280 -29.34 -17.78 -25.27
CA LEU A 280 -27.90 -17.51 -25.32
C LEU A 280 -27.20 -18.86 -25.12
N LYS A 281 -26.72 -19.44 -26.22
CA LYS A 281 -26.24 -20.82 -26.24
C LYS A 281 -24.74 -20.96 -26.00
N THR A 282 -24.37 -21.70 -24.96
CA THR A 282 -22.96 -22.00 -24.71
C THR A 282 -22.45 -23.01 -25.74
N ILE A 283 -21.35 -22.64 -26.39
CA ILE A 283 -20.76 -23.48 -27.41
C ILE A 283 -19.71 -24.38 -26.79
N TYR A 284 -20.02 -25.68 -26.68
CA TYR A 284 -19.04 -26.67 -26.23
C TYR A 284 -18.54 -27.34 -27.47
N ALA A 285 -17.23 -27.33 -27.67
CA ALA A 285 -16.63 -27.86 -28.90
C ALA A 285 -17.02 -29.31 -29.18
N ASP A 286 -17.20 -30.12 -28.13
CA ASP A 286 -17.49 -31.53 -28.32
C ASP A 286 -18.95 -31.78 -28.71
N GLU A 287 -19.75 -30.72 -28.80
CA GLU A 287 -21.14 -30.84 -29.26
C GLU A 287 -21.32 -30.38 -30.71
N TRP A 288 -20.23 -29.98 -31.36
CA TRP A 288 -20.33 -29.43 -32.72
C TRP A 288 -19.36 -30.03 -33.71
N LYS A 289 -19.83 -30.19 -34.94
CA LYS A 289 -18.95 -30.53 -36.05
C LYS A 289 -18.40 -29.20 -36.63
N PRO A 290 -17.08 -29.04 -36.66
CA PRO A 290 -16.53 -27.77 -37.17
C PRO A 290 -16.72 -27.68 -38.68
N ASP A 291 -17.07 -26.50 -39.15
CA ASP A 291 -17.17 -26.26 -40.59
C ASP A 291 -15.79 -26.46 -41.23
N GLN A 292 -15.70 -27.34 -42.23
CA GLN A 292 -14.40 -27.72 -42.75
CA GLN A 292 -14.40 -27.76 -42.79
C GLN A 292 -13.65 -26.63 -43.50
N GLN A 293 -14.38 -25.73 -44.18
CA GLN A 293 -13.74 -24.63 -44.89
C GLN A 293 -13.14 -23.63 -43.92
N THR A 294 -13.91 -23.25 -42.89
CA THR A 294 -13.40 -22.36 -41.85
C THR A 294 -12.16 -22.97 -41.19
N LYS A 295 -12.26 -24.23 -40.79
CA LYS A 295 -11.13 -24.93 -40.22
C LYS A 295 -9.89 -24.93 -41.13
N GLN A 296 -10.10 -25.18 -42.41
CA GLN A 296 -8.98 -25.20 -43.36
C GLN A 296 -8.24 -23.85 -43.39
N VAL A 297 -8.97 -22.75 -43.35
CA VAL A 297 -8.29 -21.43 -43.39
C VAL A 297 -7.51 -21.23 -42.10
N ILE A 298 -8.12 -21.58 -40.97
CA ILE A 298 -7.40 -21.46 -39.69
C ILE A 298 -6.13 -22.31 -39.71
N ASP A 299 -6.26 -23.55 -40.17
CA ASP A 299 -5.12 -24.47 -40.23
C ASP A 299 -3.99 -23.97 -41.11
N GLY A 300 -4.34 -23.34 -42.23
CA GLY A 300 -3.32 -22.81 -43.14
C GLY A 300 -2.53 -21.69 -42.49
N TRP A 301 -3.22 -20.80 -41.77
CA TRP A 301 -2.57 -19.72 -41.01
C TRP A 301 -1.69 -20.22 -39.85
N ASN A 302 -2.18 -21.22 -39.12
CA ASN A 302 -1.34 -21.80 -38.07
C ASN A 302 -0.06 -22.41 -38.62
N LYS A 303 -0.17 -23.07 -39.76
CA LYS A 303 1.01 -23.63 -40.39
C LYS A 303 2.03 -22.54 -40.77
N LYS A 304 1.55 -21.45 -41.34
CA LYS A 304 2.45 -20.35 -41.64
C LYS A 304 3.13 -19.79 -40.38
N LEU A 305 2.39 -19.70 -39.28
CA LEU A 305 2.92 -19.06 -38.06
C LEU A 305 3.74 -20.00 -37.15
N ASP A 306 3.56 -21.31 -37.35
CA ASP A 306 4.12 -22.31 -36.43
C ASP A 306 5.60 -22.16 -36.08
N GLU A 307 6.44 -21.89 -37.07
CA GLU A 307 7.88 -21.82 -36.86
C GLU A 307 8.27 -20.75 -35.84
N VAL A 308 7.66 -19.59 -35.95
CA VAL A 308 7.84 -18.52 -35.02
C VAL A 308 7.21 -18.83 -33.64
N VAL A 309 5.97 -19.26 -33.59
CA VAL A 309 5.29 -19.35 -32.30
C VAL A 309 5.72 -20.55 -31.45
N GLN A 310 6.11 -21.64 -32.12
CA GLN A 310 6.43 -22.93 -31.48
C GLN A 310 7.63 -22.86 -30.53
N GLN A 311 8.46 -21.84 -30.69
CA GLN A 311 9.72 -21.73 -29.96
C GLN A 311 9.53 -21.60 -28.45
N THR A 312 10.28 -22.39 -27.69
CA THR A 312 10.20 -22.40 -26.24
C THR A 312 11.02 -21.29 -25.62
N VAL A 313 10.36 -20.45 -24.82
CA VAL A 313 11.05 -19.31 -24.25
C VAL A 313 11.23 -19.40 -22.74
N ALA A 314 10.54 -20.35 -22.10
CA ALA A 314 10.57 -20.45 -20.64
C ALA A 314 9.81 -21.67 -20.20
N GLN A 315 9.65 -21.81 -18.89
CA GLN A 315 8.82 -22.85 -18.34
C GLN A 315 8.19 -22.38 -17.02
N SER A 316 7.03 -22.94 -16.68
CA SER A 316 6.34 -22.58 -15.46
C SER A 316 5.85 -23.85 -14.79
N PRO A 317 5.96 -23.93 -13.46
CA PRO A 317 5.48 -25.15 -12.80
C PRO A 317 3.96 -25.18 -12.73
N VAL A 318 3.33 -24.02 -12.90
CA VAL A 318 1.88 -23.91 -12.73
C VAL A 318 1.28 -22.96 -13.77
N GLU A 319 -0.03 -23.01 -13.92
CA GLU A 319 -0.70 -22.10 -14.83
C GLU A 319 -0.56 -20.68 -14.31
N LEU A 320 -0.16 -19.75 -15.18
CA LEU A 320 -0.04 -18.37 -14.77
C LEU A 320 -1.38 -17.66 -15.04
N LYS A 321 -1.87 -16.94 -14.04
CA LYS A 321 -3.22 -16.41 -14.03
C LYS A 321 -3.24 -14.87 -14.01
N ARG A 322 -4.41 -14.27 -14.24
CA ARG A 322 -4.54 -12.83 -14.29
C ARG A 322 -5.70 -12.41 -13.40
N ALA A 323 -5.74 -11.16 -12.98
CA ALA A 323 -6.79 -10.71 -12.10
C ALA A 323 -6.99 -9.24 -12.41
N TYR A 324 -8.20 -8.75 -12.21
CA TYR A 324 -8.52 -7.39 -12.63
C TYR A 324 -8.55 -6.41 -11.43
N GLY A 325 -8.91 -6.92 -10.25
CA GLY A 325 -9.02 -6.12 -9.01
C GLY A 325 -7.88 -6.29 -8.02
N GLU A 326 -6.90 -7.14 -8.35
CA GLU A 326 -5.77 -7.40 -7.44
C GLU A 326 -4.61 -7.95 -8.24
N SER A 327 -3.48 -8.17 -7.58
CA SER A 327 -2.32 -8.76 -8.26
C SER A 327 -2.64 -10.20 -8.63
N ALA A 328 -2.00 -10.67 -9.70
CA ALA A 328 -1.94 -12.08 -10.03
C ALA A 328 -0.58 -12.33 -10.69
N SER A 329 -0.22 -13.59 -10.87
CA SER A 329 1.13 -13.91 -11.31
C SER A 329 1.50 -13.28 -12.66
N LEU A 330 0.57 -13.26 -13.62
CA LEU A 330 0.91 -12.68 -14.93
C LEU A 330 1.18 -11.17 -14.82
N GLY A 331 0.37 -10.45 -14.03
CA GLY A 331 0.67 -9.04 -13.83
C GLY A 331 1.97 -8.80 -13.06
N ASN A 332 2.26 -9.65 -12.06
CA ASN A 332 3.52 -9.48 -11.31
C ASN A 332 4.70 -9.70 -12.24
N LEU A 333 4.55 -10.67 -13.13
CA LEU A 333 5.65 -11.01 -14.04
C LEU A 333 5.85 -9.94 -15.10
N ALA A 334 4.74 -9.43 -15.65
CA ALA A 334 4.82 -8.40 -16.68
C ALA A 334 5.45 -7.13 -16.11
N ALA A 335 5.04 -6.74 -14.90
CA ALA A 335 5.65 -5.53 -14.31
C ALA A 335 7.13 -5.75 -14.02
N ASP A 336 7.48 -6.92 -13.50
CA ASP A 336 8.90 -7.24 -13.25
C ASP A 336 9.73 -7.28 -14.52
N ALA A 337 9.13 -7.78 -15.60
CA ALA A 337 9.82 -7.78 -16.91
C ALA A 337 10.02 -6.36 -17.44
N LEU A 338 9.00 -5.52 -17.29
CA LEU A 338 9.16 -4.12 -17.71
C LEU A 338 10.25 -3.44 -16.89
N LEU A 339 10.27 -3.69 -15.58
CA LEU A 339 11.27 -3.06 -14.72
C LEU A 339 12.67 -3.54 -15.14
N ALA A 340 12.77 -4.84 -15.40
CA ALA A 340 14.04 -5.44 -15.78
C ALA A 340 14.56 -4.84 -17.11
N ALA A 341 13.65 -4.67 -18.07
CA ALA A 341 14.05 -4.17 -19.39
C ALA A 341 14.46 -2.68 -19.37
N ALA A 342 13.83 -1.89 -18.52
CA ALA A 342 14.13 -0.47 -18.41
C ALA A 342 15.51 -0.23 -17.76
N GLY A 343 15.84 -1.04 -16.75
CA GLY A 343 17.17 -1.07 -16.14
C GLY A 343 17.58 0.26 -15.52
N LYS A 344 18.89 0.51 -15.47
CA LYS A 344 19.42 1.78 -14.97
C LYS A 344 18.83 2.18 -13.62
N ASN A 345 18.35 3.40 -13.54
CA ASN A 345 17.84 3.94 -12.28
C ASN A 345 16.35 3.69 -12.04
N THR A 346 15.70 2.84 -12.85
CA THR A 346 14.27 2.63 -12.68
C THR A 346 13.92 1.95 -11.35
N GLN A 347 12.94 2.47 -10.63
CA GLN A 347 12.60 1.95 -9.31
C GLN A 347 11.38 1.06 -9.28
N LEU A 348 10.45 1.28 -10.23
CA LEU A 348 9.22 0.52 -10.25
C LEU A 348 8.60 0.53 -11.65
N ALA A 349 7.78 -0.48 -11.92
CA ALA A 349 7.05 -0.59 -13.17
C ALA A 349 5.57 -0.80 -12.94
N LEU A 350 4.77 -0.23 -13.84
CA LEU A 350 3.32 -0.32 -13.78
C LEU A 350 2.80 -0.77 -15.14
N THR A 351 1.84 -1.67 -15.13
CA THR A 351 1.16 -2.03 -16.37
C THR A 351 -0.32 -2.32 -16.08
N ASN A 352 -1.16 -2.33 -17.11
CA ASN A 352 -2.61 -2.38 -16.92
C ASN A 352 -3.13 -3.78 -16.95
N SER A 353 -4.13 -4.07 -16.11
CA SER A 353 -4.71 -5.41 -15.97
C SER A 353 -5.46 -5.79 -17.23
N GLY A 354 -6.05 -4.79 -17.85
CA GLY A 354 -6.78 -5.01 -19.12
C GLY A 354 -5.91 -5.39 -20.31
N GLY A 355 -4.60 -5.19 -20.19
CA GLY A 355 -3.69 -5.59 -21.27
C GLY A 355 -3.20 -7.03 -21.23
N ILE A 356 -3.73 -7.81 -20.29
CA ILE A 356 -3.28 -9.19 -20.07
C ILE A 356 -4.46 -10.10 -20.43
N ARG A 357 -4.31 -10.86 -21.51
CA ARG A 357 -5.48 -11.32 -22.24
C ARG A 357 -5.75 -12.81 -22.18
N ASN A 358 -4.88 -13.56 -21.56
CA ASN A 358 -5.06 -15.02 -21.51
C ASN A 358 -4.21 -15.58 -20.37
N GLU A 359 -4.51 -16.81 -19.92
CA GLU A 359 -3.60 -17.50 -18.99
C GLU A 359 -2.40 -18.04 -19.78
N ILE A 360 -1.28 -18.28 -19.11
CA ILE A 360 -0.21 -19.09 -19.73
C ILE A 360 -0.26 -20.47 -19.06
N PRO A 361 -0.47 -21.55 -19.83
CA PRO A 361 -0.57 -22.85 -19.16
C PRO A 361 0.72 -23.29 -18.50
N ALA A 362 0.62 -24.26 -17.57
CA ALA A 362 1.80 -24.86 -16.96
C ALA A 362 2.65 -25.58 -18.01
N GLY A 363 3.95 -25.70 -17.75
CA GLY A 363 4.84 -26.47 -18.60
C GLY A 363 5.75 -25.58 -19.43
N ALA A 364 6.13 -26.04 -20.61
CA ALA A 364 6.99 -25.26 -21.49
C ALA A 364 6.19 -24.04 -22.01
N ILE A 365 6.76 -22.84 -21.91
CA ILE A 365 6.09 -21.63 -22.38
C ILE A 365 6.69 -21.28 -23.73
N THR A 366 5.82 -21.07 -24.71
CA THR A 366 6.24 -20.80 -26.10
C THR A 366 6.01 -19.32 -26.47
N MSE A 367 6.65 -18.87 -27.55
CA MSE A 367 6.52 -17.49 -28.02
C MSE A 367 5.06 -17.14 -28.26
O MSE A 367 4.60 -16.08 -27.88
CB MSE A 367 7.35 -17.27 -29.29
CG MSE A 367 7.11 -15.94 -29.98
SE MSE A 367 7.98 -14.50 -28.94
CE MSE A 367 9.83 -15.14 -29.19
N GLY A 368 4.33 -18.07 -28.87
CA GLY A 368 2.90 -17.85 -29.09
C GLY A 368 2.08 -17.67 -27.82
N GLY A 369 2.39 -18.42 -26.77
CA GLY A 369 1.66 -18.30 -25.51
C GLY A 369 1.90 -16.91 -24.96
N VAL A 370 3.14 -16.45 -25.03
CA VAL A 370 3.46 -15.13 -24.47
C VAL A 370 2.75 -14.03 -25.26
N ILE A 371 2.77 -14.13 -26.59
CA ILE A 371 2.03 -13.16 -27.43
C ILE A 371 0.52 -13.19 -27.18
N SER A 372 -0.06 -14.37 -27.02
CA SER A 372 -1.52 -14.47 -26.81
C SER A 372 -1.94 -13.79 -25.49
N THR A 373 -1.03 -13.82 -24.54
CA THR A 373 -1.27 -13.19 -23.24
C THR A 373 -1.01 -11.67 -23.30
N PHE A 374 0.05 -11.26 -24.02
CA PHE A 374 0.46 -9.85 -24.08
C PHE A 374 0.52 -9.40 -25.54
N PRO A 375 -0.63 -9.26 -26.19
CA PRO A 375 -0.67 -9.21 -27.66
C PRO A 375 -0.48 -7.81 -28.25
N PHE A 376 -0.30 -6.80 -27.41
CA PHE A 376 -0.36 -5.38 -27.88
C PHE A 376 0.98 -4.83 -28.28
N PRO A 377 1.01 -4.00 -29.34
CA PRO A 377 2.19 -3.24 -29.68
C PRO A 377 2.32 -2.05 -28.74
N ASN A 378 2.30 -2.32 -27.45
CA ASN A 378 2.52 -1.25 -26.46
C ASN A 378 3.99 -1.22 -26.07
N GLU A 379 4.67 -0.12 -26.41
CA GLU A 379 6.14 0.04 -26.29
C GLU A 379 6.59 0.51 -24.91
N LEU A 380 7.75 0.02 -24.48
CA LEU A 380 8.33 0.38 -23.19
C LEU A 380 8.55 1.89 -23.12
N VAL A 381 8.15 2.48 -22.02
CA VAL A 381 8.34 3.92 -21.79
C VAL A 381 8.89 4.07 -20.38
N THR A 382 9.87 4.95 -20.21
CA THR A 382 10.36 5.29 -18.88
C THR A 382 10.12 6.78 -18.73
N MSE A 383 9.88 7.21 -17.50
CA MSE A 383 9.56 8.63 -17.20
C MSE A 383 9.73 8.87 -15.71
O MSE A 383 9.92 7.91 -14.94
CB MSE A 383 8.13 8.97 -17.61
CG MSE A 383 7.07 8.16 -16.85
SE MSE A 383 5.22 8.72 -17.14
CE MSE A 383 4.99 8.13 -18.93
N GLU A 384 9.68 10.13 -15.31
CA GLU A 384 9.74 10.52 -13.91
C GLU A 384 8.36 10.99 -13.46
N LEU A 385 7.87 10.44 -12.35
CA LEU A 385 6.58 10.89 -11.75
C LEU A 385 6.82 11.23 -10.30
N THR A 386 6.06 12.21 -9.77
CA THR A 386 6.11 12.49 -8.35
C THR A 386 5.31 11.44 -7.61
N GLY A 387 5.56 11.30 -6.30
CA GLY A 387 4.74 10.43 -5.46
C GLY A 387 3.26 10.77 -5.52
N LYS A 388 2.97 12.04 -5.67
CA LYS A 388 1.59 12.53 -5.71
C LYS A 388 0.93 12.07 -6.99
N GLN A 389 1.65 12.13 -8.10
CA GLN A 389 1.12 11.57 -9.36
C GLN A 389 0.94 10.05 -9.30
N LEU A 390 1.92 9.33 -8.72
CA LEU A 390 1.78 7.88 -8.55
C LEU A 390 0.55 7.54 -7.77
N ARG A 391 0.31 8.31 -6.70
CA ARG A 391 -0.84 8.03 -5.84
C ARG A 391 -2.17 8.26 -6.55
N SER A 392 -2.24 9.33 -7.35
CA SER A 392 -3.42 9.56 -8.21
C SER A 392 -3.70 8.38 -9.19
N LEU A 393 -2.64 7.79 -9.75
CA LEU A 393 -2.79 6.60 -10.60
C LEU A 393 -3.33 5.41 -9.81
N MSE A 394 -2.82 5.24 -8.59
CA MSE A 394 -3.31 4.18 -7.70
C MSE A 394 -4.78 4.36 -7.35
O MSE A 394 -5.56 3.39 -7.36
CB MSE A 394 -2.45 4.02 -6.43
CG MSE A 394 -0.97 3.71 -6.68
SE MSE A 394 -0.62 2.04 -7.65
CE MSE A 394 -0.25 2.75 -9.40
N GLU A 395 -5.18 5.58 -7.04
CA GLU A 395 -6.61 5.86 -6.80
C GLU A 395 -7.46 5.53 -8.02
N HIS A 396 -6.99 5.92 -9.22
CA HIS A 396 -7.74 5.58 -10.44
C HIS A 396 -7.89 4.05 -10.61
N GLY A 397 -6.80 3.32 -10.38
CA GLY A 397 -6.87 1.85 -10.34
C GLY A 397 -7.85 1.31 -9.31
N ALA A 398 -7.81 1.87 -8.10
CA ALA A 398 -8.67 1.37 -7.01
C ALA A 398 -10.15 1.68 -7.28
N SER A 399 -10.40 2.62 -8.19
CA SER A 399 -11.78 2.91 -8.63
C SER A 399 -12.40 1.75 -9.39
N LEU A 400 -11.53 0.89 -9.94
CA LEU A 400 -11.95 -0.34 -10.65
C LEU A 400 -12.71 -0.12 -11.97
N SER A 401 -12.84 1.13 -12.41
CA SER A 401 -13.42 1.42 -13.74
C SER A 401 -12.68 0.70 -14.84
N ASN A 402 -11.36 0.58 -14.69
CA ASN A 402 -10.49 -0.06 -15.67
C ASN A 402 -9.50 -1.05 -15.03
N GLY A 403 -9.84 -1.52 -13.83
CA GLY A 403 -9.03 -2.53 -13.13
C GLY A 403 -7.86 -1.86 -12.45
N VAL A 404 -7.15 -2.60 -11.64
CA VAL A 404 -6.00 -2.02 -10.94
C VAL A 404 -4.77 -2.09 -11.83
N LEU A 405 -3.78 -1.26 -11.53
CA LEU A 405 -2.49 -1.43 -12.16
C LEU A 405 -1.83 -2.61 -11.52
N GLN A 406 -1.15 -3.40 -12.34
CA GLN A 406 -0.22 -4.43 -11.87
C GLN A 406 1.15 -3.80 -11.66
N VAL A 407 1.86 -4.23 -10.62
CA VAL A 407 3.03 -3.49 -10.18
C VAL A 407 4.23 -4.39 -9.94
N SER A 408 5.41 -3.80 -9.97
CA SER A 408 6.64 -4.53 -9.78
C SER A 408 6.96 -4.86 -8.30
N LYS A 409 7.89 -5.81 -8.15
CA LYS A 409 8.34 -6.24 -6.83
C LYS A 409 8.86 -5.04 -6.07
N GLY A 410 8.46 -4.91 -4.82
CA GLY A 410 8.88 -3.79 -4.03
C GLY A 410 7.79 -2.77 -3.84
N LEU A 411 6.87 -2.71 -4.79
CA LEU A 411 5.72 -1.82 -4.66
C LEU A 411 4.57 -2.55 -3.98
N GLU A 412 4.00 -1.97 -2.91
CA GLU A 412 2.83 -2.59 -2.31
C GLU A 412 1.70 -1.57 -2.17
N MSE A 413 0.49 -1.97 -2.52
CA MSE A 413 -0.64 -1.05 -2.44
C MSE A 413 -1.82 -1.78 -1.83
O MSE A 413 -2.13 -2.90 -2.23
CB MSE A 413 -1.02 -0.50 -3.83
CG MSE A 413 -2.00 0.68 -3.76
SE MSE A 413 -3.88 0.17 -3.76
CE MSE A 413 -4.27 0.22 -5.71
N LYS A 414 -2.47 -1.15 -0.87
CA LYS A 414 -3.68 -1.71 -0.30
C LYS A 414 -4.80 -0.72 -0.47
N TYR A 415 -5.94 -1.17 -0.98
CA TYR A 415 -7.07 -0.26 -1.10
C TYR A 415 -8.34 -0.86 -0.54
N ASP A 416 -9.36 -0.04 -0.35
CA ASP A 416 -10.60 -0.52 0.25
C ASP A 416 -11.72 -0.12 -0.66
N SER A 417 -12.33 -1.10 -1.34
CA SER A 417 -13.31 -0.79 -2.39
C SER A 417 -14.64 -0.36 -1.82
N SER A 418 -14.79 -0.40 -0.49
CA SER A 418 -16.04 0.06 0.11
C SER A 418 -15.99 1.54 0.40
N LYS A 419 -14.85 2.16 0.22
CA LYS A 419 -14.74 3.60 0.39
C LYS A 419 -15.13 4.32 -0.91
N PRO A 420 -15.46 5.63 -0.83
CA PRO A 420 -15.79 6.40 -2.02
C PRO A 420 -14.65 6.37 -3.04
N VAL A 421 -14.98 6.33 -4.34
CA VAL A 421 -13.96 6.49 -5.38
C VAL A 421 -13.15 7.76 -5.11
N GLY A 422 -11.84 7.68 -5.28
CA GLY A 422 -10.98 8.82 -4.99
C GLY A 422 -10.35 8.73 -3.61
N GLN A 423 -10.92 7.91 -2.75
CA GLN A 423 -10.46 7.86 -1.37
C GLN A 423 -10.26 6.42 -0.93
N ARG A 424 -9.91 5.54 -1.85
CA ARG A 424 -9.83 4.12 -1.55
C ARG A 424 -8.43 3.60 -1.22
N VAL A 425 -7.39 4.34 -1.56
CA VAL A 425 -6.03 3.89 -1.27
C VAL A 425 -5.76 4.02 0.22
N ILE A 426 -5.37 2.92 0.85
CA ILE A 426 -5.09 2.88 2.28
C ILE A 426 -3.59 3.02 2.54
N THR A 427 -2.79 2.14 1.95
CA THR A 427 -1.33 2.25 2.04
C THR A 427 -0.69 2.16 0.66
N LEU A 428 0.43 2.83 0.50
CA LEU A 428 1.20 2.72 -0.74
C LEU A 428 2.68 2.87 -0.39
N THR A 429 3.46 1.81 -0.62
CA THR A 429 4.84 1.81 -0.17
C THR A 429 5.74 1.20 -1.23
N LEU A 430 6.99 1.65 -1.25
CA LEU A 430 7.98 1.14 -2.18
C LEU A 430 9.18 0.74 -1.33
N ASN A 431 9.56 -0.54 -1.39
CA ASN A 431 10.64 -1.08 -0.56
C ASN A 431 10.43 -0.76 0.94
N GLY A 432 9.18 -0.88 1.38
CA GLY A 432 8.80 -0.67 2.76
C GLY A 432 8.62 0.75 3.26
N LYS A 433 8.92 1.74 2.42
CA LYS A 433 8.77 3.15 2.79
C LYS A 433 7.60 3.76 2.06
N PRO A 434 6.79 4.56 2.77
CA PRO A 434 5.68 5.23 2.11
C PRO A 434 6.15 6.04 0.91
N ILE A 435 5.37 6.00 -0.17
CA ILE A 435 5.56 6.91 -1.30
C ILE A 435 5.31 8.32 -0.77
N GLU A 436 6.19 9.25 -1.13
CA GLU A 436 6.10 10.63 -0.69
C GLU A 436 5.70 11.60 -1.82
N ASP A 437 4.77 12.49 -1.53
CA ASP A 437 4.15 13.37 -2.55
C ASP A 437 5.13 14.10 -3.46
N ALA A 438 6.14 14.71 -2.86
CA ALA A 438 7.07 15.56 -3.62
C ALA A 438 8.29 14.82 -4.14
N THR A 439 8.44 13.56 -3.75
CA THR A 439 9.57 12.81 -4.22
C THR A 439 9.35 12.37 -5.66
N VAL A 440 10.43 12.37 -6.43
CA VAL A 440 10.42 12.02 -7.84
C VAL A 440 10.89 10.58 -7.99
N TYR A 441 10.12 9.77 -8.70
CA TYR A 441 10.39 8.35 -8.86
C TYR A 441 10.61 8.06 -10.32
N HIS A 442 11.55 7.15 -10.61
CA HIS A 442 11.85 6.72 -11.97
C HIS A 442 11.04 5.48 -12.23
N ILE A 443 10.15 5.55 -13.20
CA ILE A 443 9.21 4.46 -13.39
C ILE A 443 9.28 3.93 -14.83
N ALA A 444 8.78 2.71 -15.06
CA ALA A 444 8.64 2.17 -16.40
C ALA A 444 7.20 1.77 -16.57
N THR A 445 6.70 1.91 -17.78
CA THR A 445 5.37 1.45 -18.10
C THR A 445 5.39 1.17 -19.60
N GLN A 446 4.23 1.13 -20.25
CA GLN A 446 4.25 1.09 -21.70
C GLN A 446 3.41 2.21 -22.34
N SER A 447 3.48 2.31 -23.67
CA SER A 447 2.91 3.46 -24.39
C SER A 447 1.40 3.62 -24.30
N PHE A 448 0.66 2.52 -24.08
CA PHE A 448 -0.78 2.66 -23.91
C PHE A 448 -1.08 3.45 -22.63
N LEU A 449 -0.45 3.08 -21.51
CA LEU A 449 -0.63 3.83 -20.25
C LEU A 449 0.05 5.19 -20.30
N ALA A 450 1.20 5.25 -20.94
CA ALA A 450 1.99 6.48 -20.94
C ALA A 450 1.23 7.70 -21.49
N ASP A 451 0.36 7.45 -22.47
CA ASP A 451 -0.45 8.47 -23.14
C ASP A 451 -1.81 8.60 -22.47
N GLY A 452 -1.97 8.00 -21.29
CA GLY A 452 -3.20 8.20 -20.53
C GLY A 452 -4.31 7.19 -20.79
N GLY A 453 -3.97 6.09 -21.43
CA GLY A 453 -4.94 5.00 -21.66
C GLY A 453 -5.65 4.51 -20.41
N ASP A 454 -6.91 4.09 -20.57
CA ASP A 454 -7.67 3.52 -19.47
C ASP A 454 -8.02 4.54 -18.38
N GLY A 455 -7.96 5.80 -18.75
CA GLY A 455 -8.26 6.91 -17.82
C GLY A 455 -7.13 7.18 -16.84
N PHE A 456 -5.96 6.57 -17.04
CA PHE A 456 -4.81 6.79 -16.13
C PHE A 456 -4.08 8.06 -16.52
N THR A 457 -4.72 9.20 -16.25
CA THR A 457 -4.31 10.47 -16.85
C THR A 457 -2.97 11.00 -16.39
N ALA A 458 -2.64 10.82 -15.10
CA ALA A 458 -1.36 11.34 -14.58
C ALA A 458 -0.09 10.85 -15.29
N PHE A 459 -0.13 9.68 -15.93
CA PHE A 459 1.05 9.28 -16.77
C PHE A 459 1.43 10.35 -17.80
N THR A 460 0.44 11.10 -18.29
CA THR A 460 0.71 12.09 -19.33
C THR A 460 1.49 13.26 -18.78
N GLU A 461 1.62 13.34 -17.45
CA GLU A 461 2.35 14.44 -16.81
C GLU A 461 3.79 14.04 -16.50
N GLY A 462 4.14 12.80 -16.79
CA GLY A 462 5.49 12.33 -16.49
C GLY A 462 6.51 13.13 -17.24
N LYS A 463 7.65 13.36 -16.61
CA LYS A 463 8.77 14.08 -17.22
C LYS A 463 9.88 13.15 -17.69
N ALA A 464 10.89 13.74 -18.35
CA ALA A 464 12.07 13.00 -18.86
C ALA A 464 11.64 11.69 -19.53
N ARG A 465 10.73 11.78 -20.48
CA ARG A 465 10.08 10.62 -21.09
C ARG A 465 10.95 9.96 -22.17
N ASN A 466 10.97 8.62 -22.21
CA ASN A 466 11.73 7.94 -23.26
C ASN A 466 10.96 6.74 -23.73
N ILE A 467 10.75 6.63 -25.04
CA ILE A 467 9.98 5.49 -25.54
C ILE A 467 10.87 4.63 -26.44
N THR A 468 10.80 3.31 -26.30
CA THR A 468 11.62 2.45 -27.15
C THR A 468 10.79 1.89 -28.29
N GLY A 469 11.02 2.40 -29.50
CA GLY A 469 10.21 1.98 -30.63
C GLY A 469 10.31 0.49 -30.90
N GLY A 470 9.18 -0.16 -31.16
CA GLY A 470 9.17 -1.55 -31.54
C GLY A 470 9.46 -2.57 -30.44
N TYR A 471 9.64 -2.10 -29.21
CA TYR A 471 9.93 -2.98 -28.09
C TYR A 471 8.72 -3.09 -27.18
N TYR A 472 7.96 -4.18 -27.32
CA TYR A 472 6.65 -4.30 -26.66
C TYR A 472 6.70 -5.10 -25.35
N VAL A 473 5.58 -5.13 -24.65
CA VAL A 473 5.48 -5.90 -23.42
C VAL A 473 5.94 -7.34 -23.68
N TYR A 474 5.49 -7.96 -24.77
CA TYR A 474 5.90 -9.36 -24.96
C TYR A 474 7.41 -9.55 -25.20
N HIS A 475 8.06 -8.59 -25.84
CA HIS A 475 9.51 -8.66 -25.95
C HIS A 475 10.15 -8.57 -24.58
N ALA A 476 9.64 -7.68 -23.73
CA ALA A 476 10.21 -7.53 -22.37
C ALA A 476 10.10 -8.87 -21.65
N VAL A 477 8.98 -9.56 -21.84
CA VAL A 477 8.73 -10.80 -21.09
C VAL A 477 9.68 -11.88 -21.60
N VAL A 478 9.73 -12.06 -22.90
CA VAL A 478 10.71 -12.95 -23.49
C VAL A 478 12.15 -12.64 -23.00
N ASP A 479 12.54 -11.37 -23.04
CA ASP A 479 13.88 -11.00 -22.63
C ASP A 479 14.15 -11.27 -21.15
N TYR A 480 13.09 -11.25 -20.34
CA TYR A 480 13.26 -11.50 -18.93
C TYR A 480 13.81 -12.92 -18.70
N PHE A 481 13.24 -13.89 -19.42
CA PHE A 481 13.69 -15.28 -19.34
C PHE A 481 15.03 -15.53 -20.05
N LYS A 482 15.27 -14.80 -21.14
CA LYS A 482 16.58 -14.87 -21.79
C LYS A 482 17.70 -14.35 -20.91
N ALA A 483 17.42 -13.37 -20.07
CA ALA A 483 18.44 -12.75 -19.25
C ALA A 483 18.88 -13.62 -18.07
N GLY A 484 18.25 -14.81 -17.94
CA GLY A 484 18.54 -15.73 -16.84
C GLY A 484 17.42 -15.90 -15.81
N ASN A 485 16.54 -14.90 -15.72
CA ASN A 485 15.51 -14.89 -14.69
C ASN A 485 14.50 -16.01 -14.80
N THR A 486 13.92 -16.42 -13.70
CA THR A 486 12.82 -17.40 -13.77
C THR A 486 11.60 -16.91 -12.98
N ILE A 487 10.52 -17.68 -13.02
CA ILE A 487 9.32 -17.34 -12.28
C ILE A 487 9.58 -17.60 -10.79
N THR A 488 9.32 -16.61 -9.94
CA THR A 488 9.65 -16.77 -8.53
C THR A 488 8.41 -17.07 -7.71
N ASP A 489 8.59 -17.60 -6.50
CA ASP A 489 7.44 -17.85 -5.64
C ASP A 489 6.71 -16.56 -5.30
N GLU A 490 7.43 -15.44 -5.15
CA GLU A 490 6.72 -14.20 -4.81
C GLU A 490 5.93 -13.64 -6.01
N GLN A 491 6.43 -13.84 -7.24
CA GLN A 491 5.59 -13.53 -8.41
C GLN A 491 4.33 -14.38 -8.39
N LEU A 492 4.46 -15.65 -8.00
CA LEU A 492 3.30 -16.54 -8.04
C LEU A 492 2.27 -16.27 -6.96
N ASN A 493 2.73 -15.88 -5.77
CA ASN A 493 1.84 -15.76 -4.61
C ASN A 493 1.78 -14.36 -4.00
N GLY A 494 2.62 -13.45 -4.49
CA GLY A 494 2.74 -12.12 -3.90
C GLY A 494 1.53 -11.24 -4.19
N MSE A 495 0.84 -10.80 -3.14
CA MSE A 495 -0.33 -9.96 -3.31
CA MSE A 495 -0.34 -9.96 -3.34
C MSE A 495 0.09 -8.50 -3.21
O MSE A 495 -0.20 -7.83 -2.22
CB MSE A 495 -1.40 -10.32 -2.25
CB MSE A 495 -1.49 -10.32 -2.39
CG MSE A 495 -2.06 -11.69 -2.52
CG MSE A 495 -2.90 -9.95 -2.91
SE MSE A 495 -2.81 -11.91 -4.33
SE MSE A 495 -3.49 -10.76 -4.61
CE MSE A 495 -3.84 -10.24 -4.36
CE MSE A 495 -2.42 -12.41 -4.57
N ARG A 496 0.77 -8.00 -4.25
CA ARG A 496 1.37 -6.66 -4.21
C ARG A 496 0.29 -5.59 -4.13
N VAL A 497 -0.81 -5.83 -4.83
CA VAL A 497 -2.00 -4.98 -4.81
C VAL A 497 -3.18 -5.78 -4.32
N LYS A 498 -3.87 -5.27 -3.31
CA LYS A 498 -4.86 -6.08 -2.57
C LYS A 498 -5.98 -5.18 -2.12
N ASP A 499 -7.22 -5.63 -2.29
CA ASP A 499 -8.40 -4.97 -1.74
C ASP A 499 -8.64 -5.46 -0.29
N ILE A 500 -8.55 -4.57 0.68
CA ILE A 500 -8.76 -5.00 2.08
C ILE A 500 -10.18 -4.72 2.62
N LYS A 501 -11.14 -4.52 1.73
CA LYS A 501 -12.56 -4.33 2.11
C LYS A 501 -13.00 -5.18 3.30
N ALA B 4 -21.93 22.67 12.77
CA ALA B 4 -20.56 23.22 12.57
C ALA B 4 -19.97 23.56 13.93
N LYS B 5 -18.73 23.12 14.18
CA LYS B 5 -18.16 23.14 15.53
C LYS B 5 -16.71 22.68 15.54
N ASP B 6 -15.83 23.49 16.10
CA ASP B 6 -14.41 23.18 16.24
C ASP B 6 -14.20 22.16 17.34
N VAL B 7 -13.62 21.01 16.99
CA VAL B 7 -13.24 19.96 17.93
C VAL B 7 -11.71 19.93 17.93
N THR B 8 -11.12 20.27 19.08
CA THR B 8 -9.68 20.46 19.15
C THR B 8 -9.04 19.34 19.97
N ILE B 9 -8.02 18.70 19.40
CA ILE B 9 -7.24 17.70 20.12
C ILE B 9 -5.78 18.16 20.24
N ILE B 10 -5.31 18.33 21.46
CA ILE B 10 -3.94 18.68 21.71
C ILE B 10 -3.27 17.41 22.27
N TYR B 11 -2.01 17.16 21.95
CA TYR B 11 -1.44 15.91 22.42
C TYR B 11 0.06 16.01 22.58
N THR B 12 0.57 15.18 23.49
CA THR B 12 1.98 14.94 23.68
C THR B 12 2.27 13.43 23.69
N ASN B 13 3.55 13.09 23.71
CA ASN B 13 3.99 11.71 23.93
C ASN B 13 5.43 11.78 24.39
N ASP B 14 5.85 10.79 25.17
CA ASP B 14 7.26 10.65 25.47
C ASP B 14 7.83 11.95 26.04
N LEU B 15 7.06 12.55 26.95
CA LEU B 15 7.52 13.71 27.72
C LEU B 15 8.76 13.43 28.56
N HIS B 16 8.88 12.19 29.05
CA HIS B 16 10.13 11.73 29.67
C HIS B 16 10.71 12.63 30.76
N ALA B 17 9.82 13.09 31.64
CA ALA B 17 10.26 13.79 32.85
C ALA B 17 11.03 15.08 32.58
N HIS B 18 10.92 15.61 31.36
CA HIS B 18 11.59 16.89 31.04
C HIS B 18 10.79 18.08 31.55
N VAL B 19 10.63 18.12 32.87
CA VAL B 19 9.65 19.00 33.47
C VAL B 19 10.04 20.47 33.37
N GLU B 20 11.34 20.76 33.27
CA GLU B 20 11.80 22.14 33.08
C GLU B 20 12.45 22.39 31.71
N PRO B 21 12.43 23.65 31.24
CA PRO B 21 13.02 23.95 29.92
C PRO B 21 14.48 23.51 29.87
N TYR B 22 14.94 23.09 28.71
CA TYR B 22 16.29 22.53 28.58
C TYR B 22 16.84 22.68 27.17
N LYS B 23 18.15 22.51 27.01
CA LYS B 23 18.82 22.70 25.71
C LYS B 23 18.90 21.39 24.94
N VAL B 24 18.81 21.48 23.62
CA VAL B 24 18.90 20.33 22.73
C VAL B 24 20.03 20.63 21.72
N PRO B 25 21.03 19.73 21.61
CA PRO B 25 22.18 20.10 20.76
C PRO B 25 21.79 20.43 19.32
N TRP B 26 20.80 19.73 18.77
CA TRP B 26 20.41 19.96 17.39
C TRP B 26 19.34 21.02 17.20
N ILE B 27 19.01 21.76 18.26
CA ILE B 27 18.06 22.86 18.14
C ILE B 27 18.72 24.16 18.52
N ALA B 28 18.80 25.08 17.57
CA ALA B 28 19.47 26.37 17.75
C ALA B 28 20.87 26.16 18.31
N ASP B 29 21.51 25.07 17.88
CA ASP B 29 22.86 24.72 18.33
C ASP B 29 22.97 24.59 19.86
N GLY B 30 21.89 24.13 20.49
CA GLY B 30 21.88 24.00 21.94
C GLY B 30 21.98 25.32 22.69
N LYS B 31 21.52 26.41 22.07
CA LYS B 31 21.63 27.74 22.67
C LYS B 31 20.28 28.36 23.05
N ARG B 32 19.19 27.62 22.87
CA ARG B 32 17.85 28.13 23.20
C ARG B 32 17.04 27.11 24.00
N ASP B 33 16.54 27.49 25.18
CA ASP B 33 15.78 26.56 26.03
C ASP B 33 14.50 26.16 25.35
N ILE B 34 14.21 24.87 25.31
CA ILE B 34 12.92 24.44 24.79
C ILE B 34 12.13 23.62 25.82
N GLY B 35 10.84 23.49 25.56
CA GLY B 35 9.98 22.66 26.41
C GLY B 35 9.64 23.33 27.73
N GLY B 36 9.40 22.49 28.74
CA GLY B 36 8.96 22.95 30.05
C GLY B 36 7.50 22.63 30.22
N TRP B 37 7.18 21.83 31.24
CA TRP B 37 5.80 21.39 31.43
C TRP B 37 4.88 22.51 31.88
N ALA B 38 5.41 23.45 32.62
CA ALA B 38 4.65 24.64 33.04
C ALA B 38 4.26 25.46 31.77
N ASN B 39 5.15 25.53 30.77
CA ASN B 39 4.80 26.20 29.51
C ASN B 39 3.70 25.46 28.74
N ILE B 40 3.83 24.14 28.70
CA ILE B 40 2.82 23.32 28.05
C ILE B 40 1.48 23.45 28.76
N THR B 41 1.48 23.54 30.08
CA THR B 41 0.22 23.75 30.79
C THR B 41 -0.45 25.04 30.34
N THR B 42 0.34 26.11 30.20
CA THR B 42 -0.23 27.39 29.78
C THR B 42 -0.85 27.28 28.37
N LEU B 43 -0.13 26.64 27.45
CA LEU B 43 -0.63 26.41 26.09
C LEU B 43 -1.99 25.73 26.11
N VAL B 44 -2.10 24.64 26.84
CA VAL B 44 -3.34 23.86 26.88
C VAL B 44 -4.43 24.64 27.60
N LYS B 45 -4.11 25.33 28.70
CA LYS B 45 -5.13 26.10 29.40
C LYS B 45 -5.73 27.18 28.49
N GLN B 46 -4.88 27.89 27.74
CA GLN B 46 -5.34 28.92 26.80
C GLN B 46 -6.23 28.35 25.70
N GLU B 47 -5.90 27.15 25.23
CA GLU B 47 -6.71 26.52 24.21
C GLU B 47 -8.06 26.13 24.76
N LYS B 48 -8.08 25.56 25.96
CA LYS B 48 -9.33 25.14 26.56
C LYS B 48 -10.20 26.35 26.93
N ALA B 49 -9.58 27.46 27.30
CA ALA B 49 -10.33 28.68 27.55
C ALA B 49 -10.96 29.18 26.24
N LYS B 50 -10.23 29.08 25.12
CA LYS B 50 -10.74 29.50 23.81
C LYS B 50 -11.88 28.66 23.21
N ASN B 51 -11.89 27.35 23.49
CA ASN B 51 -12.85 26.43 22.85
C ASN B 51 -13.22 25.34 23.85
N LYS B 52 -14.46 25.32 24.34
CA LYS B 52 -14.89 24.29 25.27
C LYS B 52 -14.59 22.86 24.77
N ALA B 53 -14.68 22.65 23.47
CA ALA B 53 -14.51 21.29 22.92
C ALA B 53 -13.06 21.01 22.57
N THR B 54 -12.22 20.96 23.61
CA THR B 54 -10.76 20.79 23.48
C THR B 54 -10.33 19.66 24.43
N TRP B 55 -9.72 18.62 23.86
CA TRP B 55 -9.16 17.54 24.66
C TRP B 55 -7.61 17.59 24.65
N PHE B 56 -7.00 17.08 25.73
CA PHE B 56 -5.54 16.98 25.81
C PHE B 56 -5.16 15.55 26.18
N PHE B 57 -4.39 14.88 25.32
CA PHE B 57 -4.08 13.46 25.45
C PHE B 57 -2.56 13.27 25.43
N ASP B 58 -2.08 12.18 26.03
CA ASP B 58 -0.67 11.80 26.00
C ASP B 58 -0.52 10.29 25.77
N ALA B 59 0.46 9.91 24.96
CA ALA B 59 0.62 8.51 24.57
C ALA B 59 1.66 7.69 25.35
N GLY B 60 1.99 8.12 26.56
CA GLY B 60 2.85 7.35 27.45
C GLY B 60 4.27 7.84 27.52
N ASP B 61 5.04 7.27 28.46
CA ASP B 61 6.46 7.58 28.69
C ASP B 61 6.63 9.02 29.21
N TYR B 62 5.80 9.40 30.17
CA TYR B 62 6.07 10.63 30.96
C TYR B 62 7.12 10.35 32.03
N PHE B 63 7.26 9.09 32.46
CA PHE B 63 8.38 8.72 33.36
C PHE B 63 9.74 8.65 32.64
N THR B 64 10.81 8.96 33.38
CA THR B 64 12.19 8.51 33.06
C THR B 64 12.98 9.46 32.16
N GLY B 65 13.98 10.07 32.76
CA GLY B 65 14.78 11.06 32.09
C GLY B 65 15.49 11.81 33.18
N PRO B 66 15.27 13.12 33.26
CA PRO B 66 15.85 13.88 34.38
C PRO B 66 15.54 13.27 35.75
N TYR B 67 16.49 13.45 36.69
CA TYR B 67 16.51 12.73 37.97
C TYR B 67 15.23 12.83 38.82
N ILE B 68 14.44 13.87 38.59
CA ILE B 68 13.21 14.06 39.33
C ILE B 68 12.29 12.82 39.21
N SER B 69 12.39 12.09 38.11
CA SER B 69 11.58 10.89 37.94
C SER B 69 12.18 9.72 38.72
N SER B 70 13.40 9.32 38.37
CA SER B 70 14.04 8.16 38.97
C SER B 70 14.11 8.23 40.51
N LEU B 71 14.53 9.38 41.03
CA LEU B 71 14.68 9.50 42.49
C LEU B 71 13.35 9.45 43.23
N THR B 72 12.22 9.59 42.53
CA THR B 72 10.92 9.51 43.20
C THR B 72 10.12 8.37 42.68
N LYS B 73 10.76 7.56 41.82
CA LYS B 73 10.09 6.42 41.18
C LYS B 73 8.83 6.89 40.45
N GLY B 74 8.89 8.13 39.95
CA GLY B 74 7.81 8.68 39.13
C GLY B 74 6.72 9.38 39.90
N LYS B 75 6.76 9.30 41.24
CA LYS B 75 5.78 9.99 42.10
C LYS B 75 5.73 11.48 41.81
N ALA B 76 6.89 12.12 41.71
CA ALA B 76 6.92 13.57 41.40
C ALA B 76 6.29 13.86 40.05
N ILE B 77 6.47 12.93 39.11
CA ILE B 77 5.88 13.11 37.76
C ILE B 77 4.36 13.13 37.78
N ILE B 78 3.75 12.13 38.45
CA ILE B 78 2.32 12.13 38.68
C ILE B 78 1.84 13.42 39.39
N ASP B 79 2.58 13.85 40.42
CA ASP B 79 2.24 15.08 41.15
CA ASP B 79 2.20 15.06 41.15
C ASP B 79 2.20 16.28 40.23
N ILE B 80 3.25 16.41 39.42
CA ILE B 80 3.33 17.53 38.44
C ILE B 80 2.21 17.42 37.39
N MSE B 81 2.01 16.22 36.86
CA MSE B 81 0.91 16.01 35.89
C MSE B 81 -0.46 16.31 36.47
O MSE B 81 -1.37 16.71 35.73
CB MSE B 81 0.96 14.62 35.27
CG MSE B 81 2.24 14.35 34.44
SE MSE B 81 2.31 12.45 33.98
CE MSE B 81 0.88 12.28 32.60
N ASN B 82 -0.65 16.07 37.76
CA ASN B 82 -1.89 16.46 38.43
C ASN B 82 -2.19 17.97 38.39
N THR B 83 -1.21 18.80 38.03
CA THR B 83 -1.50 20.23 37.86
C THR B 83 -1.80 20.60 36.39
N MSE B 84 -1.84 19.60 35.52
CA MSE B 84 -1.94 19.85 34.08
C MSE B 84 -3.29 19.30 33.59
O MSE B 84 -3.76 18.30 34.09
CB MSE B 84 -0.77 19.15 33.33
CG MSE B 84 0.59 19.68 33.73
SE MSE B 84 2.10 18.61 33.12
CE MSE B 84 2.21 19.12 31.24
N PRO B 85 -3.91 19.96 32.60
CA PRO B 85 -5.28 19.54 32.27
C PRO B 85 -5.42 18.38 31.28
N PHE B 86 -4.83 17.23 31.60
CA PHE B 86 -4.96 16.01 30.78
C PHE B 86 -6.38 15.47 30.83
N ASP B 87 -6.92 15.09 29.68
CA ASP B 87 -8.20 14.40 29.66
C ASP B 87 -8.04 12.89 29.69
N ALA B 88 -6.94 12.37 29.14
CA ALA B 88 -6.62 10.94 29.22
C ALA B 88 -5.18 10.70 28.79
N VAL B 89 -4.50 9.74 29.43
CA VAL B 89 -3.19 9.28 28.99
C VAL B 89 -3.20 7.75 28.95
N THR B 90 -2.22 7.17 28.29
CA THR B 90 -2.02 5.73 28.40
C THR B 90 -0.70 5.44 29.15
N ILE B 91 -0.26 4.20 29.13
CA ILE B 91 0.91 3.80 29.93
C ILE B 91 1.96 3.32 28.94
N GLY B 92 3.14 3.92 28.98
CA GLY B 92 4.23 3.52 28.08
C GLY B 92 5.17 2.55 28.80
N ASN B 93 6.17 2.07 28.08
CA ASN B 93 7.08 1.12 28.69
C ASN B 93 7.83 1.70 29.88
N HIS B 94 8.19 2.98 29.82
CA HIS B 94 8.96 3.54 30.93
C HIS B 94 8.19 3.69 32.25
N GLU B 95 6.87 3.62 32.18
CA GLU B 95 6.09 3.70 33.41
C GLU B 95 6.37 2.45 34.25
N PHE B 96 6.95 1.42 33.61
CA PHE B 96 7.32 0.17 34.29
C PHE B 96 8.74 0.12 34.86
N ASP B 97 9.50 1.19 34.71
CA ASP B 97 10.94 1.12 35.01
C ASP B 97 11.30 0.77 36.46
N HIS B 98 10.38 1.02 37.38
CA HIS B 98 10.63 0.72 38.79
C HIS B 98 9.80 -0.45 39.29
N GLY B 99 9.26 -1.23 38.35
CA GLY B 99 8.49 -2.43 38.71
C GLY B 99 7.02 -2.16 38.45
N TRP B 100 6.27 -3.20 38.11
CA TRP B 100 4.84 -2.99 37.82
C TRP B 100 3.98 -2.72 39.04
N ASP B 101 4.42 -3.15 40.22
CA ASP B 101 3.73 -2.71 41.42
C ASP B 101 3.86 -1.19 41.61
N ASN B 102 5.03 -0.65 41.35
CA ASN B 102 5.20 0.80 41.41
C ASN B 102 4.31 1.50 40.38
N THR B 103 4.18 0.88 39.21
CA THR B 103 3.33 1.45 38.18
C THR B 103 1.92 1.64 38.74
N LEU B 104 1.35 0.57 39.30
CA LEU B 104 0.02 0.63 39.89
C LEU B 104 -0.03 1.66 41.02
N LEU B 105 0.96 1.63 41.90
CA LEU B 105 0.97 2.53 43.06
C LEU B 105 0.96 4.00 42.65
N GLN B 106 1.91 4.38 41.79
CA GLN B 106 2.05 5.80 41.39
C GLN B 106 0.88 6.26 40.53
N LEU B 107 0.48 5.42 39.58
CA LEU B 107 -0.57 5.82 38.65
C LEU B 107 -1.95 5.87 39.31
N SER B 108 -2.14 5.13 40.39
CA SER B 108 -3.38 5.26 41.18
C SER B 108 -3.62 6.69 41.70
N GLN B 109 -2.56 7.46 41.81
CA GLN B 109 -2.63 8.82 42.33
C GLN B 109 -2.99 9.89 41.29
N ALA B 110 -3.12 9.48 40.02
CA ALA B 110 -3.47 10.43 38.98
C ALA B 110 -4.90 10.94 39.17
N LYS B 111 -5.11 12.23 38.95
CA LYS B 111 -6.48 12.77 39.00
C LYS B 111 -7.08 12.83 37.62
N PHE B 112 -6.32 12.39 36.62
CA PHE B 112 -6.80 12.37 35.24
C PHE B 112 -7.01 10.91 34.83
N PRO B 113 -7.85 10.69 33.83
CA PRO B 113 -8.07 9.30 33.41
C PRO B 113 -6.86 8.66 32.72
N ILE B 114 -6.62 7.40 33.03
CA ILE B 114 -5.58 6.60 32.43
C ILE B 114 -6.23 5.38 31.82
N VAL B 115 -5.96 5.15 30.54
CA VAL B 115 -6.54 4.02 29.83
C VAL B 115 -5.44 3.04 29.39
N GLN B 116 -5.72 1.76 29.55
CA GLN B 116 -4.78 0.72 29.16
C GLN B 116 -5.56 -0.58 29.03
N GLY B 117 -5.74 -1.07 27.81
CA GLY B 117 -6.64 -2.18 27.61
C GLY B 117 -6.05 -3.49 27.11
N ASN B 118 -4.72 -3.62 27.11
CA ASN B 118 -4.15 -4.90 26.60
C ASN B 118 -2.92 -5.43 27.34
N ILE B 119 -2.66 -4.94 28.55
CA ILE B 119 -1.70 -5.61 29.42
C ILE B 119 -2.47 -6.45 30.43
N PHE B 120 -2.07 -7.73 30.49
CA PHE B 120 -2.69 -8.77 31.30
C PHE B 120 -1.66 -9.50 32.18
N TYR B 121 -2.15 -10.10 33.27
CA TYR B 121 -1.41 -11.14 33.99
C TYR B 121 -1.20 -12.36 33.10
N GLN B 122 0.02 -12.88 33.04
CA GLN B 122 0.26 -14.07 32.23
C GLN B 122 -0.60 -15.26 32.65
N ASN B 123 -1.05 -16.04 31.65
CA ASN B 123 -1.94 -17.20 31.85
C ASN B 123 -3.21 -16.86 32.59
N SER B 124 -3.75 -15.69 32.32
CA SER B 124 -4.92 -15.21 33.02
C SER B 124 -5.71 -14.34 32.08
N SER B 125 -7.00 -14.21 32.29
CA SER B 125 -7.73 -13.25 31.50
C SER B 125 -7.83 -11.91 32.27
N LYS B 126 -7.23 -11.81 33.45
CA LYS B 126 -7.33 -10.61 34.27
C LYS B 126 -6.46 -9.47 33.69
N SER B 127 -7.01 -8.26 33.56
CA SER B 127 -6.17 -7.19 33.01
C SER B 127 -5.36 -6.50 34.09
N PHE B 128 -4.22 -5.97 33.69
CA PHE B 128 -3.36 -5.25 34.64
C PHE B 128 -4.02 -3.98 35.16
N TRP B 129 -4.51 -3.14 34.22
CA TRP B 129 -5.15 -1.89 34.54
C TRP B 129 -6.67 -2.09 34.49
N ASP B 130 -7.43 -1.27 35.19
CA ASP B 130 -8.87 -1.55 35.21
C ASP B 130 -9.67 -0.89 34.09
N LYS B 131 -9.06 0.02 33.33
CA LYS B 131 -9.82 0.84 32.41
C LYS B 131 -9.24 0.76 31.00
N PRO B 132 -9.86 -0.03 30.11
CA PRO B 132 -9.26 -0.19 28.78
C PRO B 132 -9.53 1.00 27.87
N TYR B 133 -10.63 1.70 28.10
CA TYR B 133 -10.97 2.88 27.34
C TYR B 133 -11.92 3.72 28.15
N THR B 134 -12.15 4.97 27.71
CA THR B 134 -13.10 5.80 28.43
C THR B 134 -13.75 6.80 27.47
N ILE B 135 -14.94 7.30 27.82
CA ILE B 135 -15.61 8.31 27.00
C ILE B 135 -15.50 9.65 27.70
N ILE B 136 -14.94 10.64 27.00
CA ILE B 136 -14.84 11.99 27.53
C ILE B 136 -15.69 12.91 26.67
N GLU B 137 -16.70 13.50 27.31
CA GLU B 137 -17.68 14.31 26.59
C GLU B 137 -17.47 15.77 26.89
N LYS B 138 -17.39 16.61 25.86
CA LYS B 138 -17.27 18.06 26.06
C LYS B 138 -18.18 18.78 25.07
N ASP B 139 -19.05 19.65 25.59
CA ASP B 139 -19.90 20.44 24.71
C ASP B 139 -20.74 19.54 23.79
N GLY B 140 -21.32 18.48 24.33
CA GLY B 140 -22.13 17.57 23.49
C GLY B 140 -21.36 16.62 22.56
N VAL B 141 -20.02 16.70 22.57
CA VAL B 141 -19.21 15.84 21.69
C VAL B 141 -18.57 14.73 22.53
N LYS B 142 -18.87 13.47 22.21
CA LYS B 142 -18.33 12.34 22.97
C LYS B 142 -17.11 11.77 22.21
N ILE B 143 -15.98 11.69 22.90
CA ILE B 143 -14.81 11.03 22.30
C ILE B 143 -14.47 9.79 23.10
N GLY B 144 -14.42 8.66 22.42
CA GLY B 144 -13.94 7.43 23.01
C GLY B 144 -12.43 7.37 22.89
N VAL B 145 -11.75 7.03 23.99
CA VAL B 145 -10.27 6.99 23.98
C VAL B 145 -9.80 5.66 24.52
N ILE B 146 -9.04 4.95 23.69
CA ILE B 146 -8.51 3.61 23.97
C ILE B 146 -7.02 3.71 24.23
N GLY B 147 -6.52 2.93 25.18
CA GLY B 147 -5.07 2.89 25.49
C GLY B 147 -4.49 1.51 25.23
N LEU B 148 -3.38 1.46 24.48
CA LEU B 148 -2.78 0.17 24.13
C LEU B 148 -1.25 0.24 24.08
N HIS B 149 -0.59 -0.88 24.34
CA HIS B 149 0.86 -1.01 24.23
C HIS B 149 1.18 -2.10 23.23
N GLY B 150 2.01 -1.81 22.23
CA GLY B 150 2.41 -2.86 21.27
C GLY B 150 3.18 -3.99 21.94
N VAL B 151 2.91 -5.24 21.53
CA VAL B 151 3.52 -6.42 22.15
C VAL B 151 5.02 -6.43 21.91
N PHE B 152 5.42 -6.18 20.66
CA PHE B 152 6.83 -6.20 20.36
C PHE B 152 7.57 -5.14 21.21
N ALA B 153 7.02 -3.93 21.27
CA ALA B 153 7.68 -2.88 22.06
C ALA B 153 7.69 -3.20 23.55
N PHE B 154 6.63 -3.83 24.06
CA PHE B 154 6.59 -4.24 25.48
C PHE B 154 7.72 -5.25 25.78
N ASN B 155 7.81 -6.29 24.96
CA ASN B 155 8.86 -7.29 25.16
C ASN B 155 10.30 -6.77 24.97
N ASP B 156 10.48 -5.88 24.01
CA ASP B 156 11.76 -5.31 23.60
C ASP B 156 12.32 -4.37 24.70
N THR B 157 11.45 -3.55 25.32
CA THR B 157 11.95 -2.39 26.05
C THR B 157 11.57 -2.31 27.51
N VAL B 158 10.67 -3.18 27.97
CA VAL B 158 10.40 -3.27 29.41
C VAL B 158 11.43 -4.25 30.00
N SER B 159 12.21 -3.80 30.98
CA SER B 159 13.22 -4.63 31.59
C SER B 159 12.54 -5.91 32.11
N ALA B 160 13.16 -7.06 31.88
CA ALA B 160 12.55 -8.33 32.30
C ALA B 160 12.22 -8.34 33.78
N ALA B 161 13.11 -7.78 34.61
CA ALA B 161 12.90 -7.78 36.06
C ALA B 161 11.65 -6.97 36.48
N THR B 162 11.20 -6.03 35.64
CA THR B 162 10.06 -5.17 36.02
C THR B 162 8.71 -5.63 35.46
N ARG B 163 8.69 -6.69 34.66
CA ARG B 163 7.42 -7.15 34.08
C ARG B 163 7.13 -8.62 34.37
N VAL B 164 7.64 -9.13 35.48
CA VAL B 164 7.43 -10.57 35.81
C VAL B 164 5.96 -10.87 36.09
N GLY B 165 5.42 -11.77 35.29
CA GLY B 165 4.05 -12.22 35.49
C GLY B 165 3.01 -11.44 34.71
N ILE B 166 3.43 -10.43 33.95
CA ILE B 166 2.49 -9.67 33.10
C ILE B 166 3.01 -9.62 31.66
N GLU B 167 2.13 -9.23 30.73
CA GLU B 167 2.47 -9.20 29.30
C GLU B 167 1.40 -8.37 28.57
N ALA B 168 1.83 -7.73 27.48
CA ALA B 168 0.92 -7.15 26.51
C ALA B 168 0.47 -8.25 25.59
N ARG B 169 -0.77 -8.15 25.09
CA ARG B 169 -1.32 -9.11 24.13
C ARG B 169 -1.84 -8.38 22.88
N ASP B 170 -1.82 -9.14 21.77
CA ASP B 170 -2.12 -8.69 20.40
C ASP B 170 -2.86 -7.38 20.31
N GLU B 171 -2.12 -6.31 20.07
CA GLU B 171 -2.72 -5.00 20.16
C GLU B 171 -3.78 -4.77 19.09
N ILE B 172 -3.65 -5.45 17.96
CA ILE B 172 -4.59 -5.30 16.86
C ILE B 172 -5.96 -5.89 17.20
N LYS B 173 -5.96 -7.11 17.73
CA LYS B 173 -7.17 -7.74 18.21
C LYS B 173 -7.89 -6.85 19.23
N TRP B 174 -7.14 -6.36 20.22
CA TRP B 174 -7.74 -5.56 21.27
C TRP B 174 -8.21 -4.19 20.75
N LEU B 175 -7.41 -3.55 19.90
CA LEU B 175 -7.84 -2.32 19.25
C LEU B 175 -9.23 -2.48 18.55
N GLN B 176 -9.38 -3.52 17.72
CA GLN B 176 -10.65 -3.72 16.99
C GLN B 176 -11.80 -4.01 17.94
N ARG B 177 -11.53 -4.79 18.99
CA ARG B 177 -12.58 -5.07 19.97
C ARG B 177 -13.10 -3.82 20.64
N TYR B 178 -12.20 -2.91 20.99
CA TYR B 178 -12.62 -1.74 21.71
C TYR B 178 -13.32 -0.75 20.79
N ILE B 179 -12.82 -0.63 19.58
CA ILE B 179 -13.52 0.17 18.57
C ILE B 179 -14.98 -0.33 18.45
N ASP B 180 -15.12 -1.65 18.34
CA ASP B 180 -16.43 -2.28 18.18
C ASP B 180 -17.31 -2.00 19.40
N GLU B 181 -16.74 -2.07 20.60
CA GLU B 181 -17.48 -1.69 21.80
C GLU B 181 -17.90 -0.21 21.87
N LEU B 182 -17.11 0.70 21.30
CA LEU B 182 -17.44 2.10 21.37
C LEU B 182 -18.37 2.55 20.25
N LYS B 183 -18.46 1.74 19.18
CA LYS B 183 -19.14 2.15 17.93
C LYS B 183 -20.48 2.87 18.08
N GLY B 184 -21.44 2.28 18.72
CA GLY B 184 -22.73 3.02 18.83
C GLY B 184 -22.72 4.29 19.69
N LYS B 185 -21.63 4.54 20.41
CA LYS B 185 -21.69 5.42 21.61
C LYS B 185 -20.90 6.72 21.58
N VAL B 186 -20.06 6.94 20.58
CA VAL B 186 -19.27 8.16 20.59
C VAL B 186 -19.38 8.88 19.27
N ASP B 187 -18.91 10.12 19.25
CA ASP B 187 -18.78 10.87 18.02
C ASP B 187 -17.46 10.59 17.31
N LEU B 188 -16.40 10.34 18.08
CA LEU B 188 -15.07 10.09 17.54
C LEU B 188 -14.35 9.03 18.38
N THR B 189 -13.55 8.20 17.73
CA THR B 189 -12.76 7.20 18.45
C THR B 189 -11.26 7.52 18.29
N VAL B 190 -10.55 7.60 19.41
CA VAL B 190 -9.12 7.92 19.43
C VAL B 190 -8.41 6.78 20.13
N ALA B 191 -7.26 6.35 19.60
CA ALA B 191 -6.46 5.34 20.32
C ALA B 191 -5.08 5.94 20.62
N LEU B 192 -4.65 5.79 21.88
CA LEU B 192 -3.32 6.21 22.30
C LEU B 192 -2.53 4.91 22.37
N ILE B 193 -1.53 4.75 21.51
CA ILE B 193 -0.85 3.45 21.35
C ILE B 193 0.64 3.66 21.49
N HIS B 194 1.25 2.88 22.40
CA HIS B 194 2.69 3.02 22.59
C HIS B 194 3.28 1.82 21.88
N GLU B 195 3.91 2.02 20.73
CA GLU B 195 4.27 0.87 19.90
C GLU B 195 5.36 1.24 18.92
N GLY B 196 6.01 0.24 18.34
CA GLY B 196 6.97 0.50 17.23
C GLY B 196 8.43 0.30 17.63
N VAL B 197 9.33 0.97 16.94
CA VAL B 197 10.76 0.91 17.27
C VAL B 197 11.04 1.93 18.37
N PRO B 198 12.03 1.64 19.23
CA PRO B 198 12.36 2.63 20.25
C PRO B 198 13.07 3.82 19.65
N ALA B 199 12.93 4.96 20.30
CA ALA B 199 13.56 6.19 19.84
C ALA B 199 15.06 6.03 19.84
N ARG B 200 15.72 6.72 18.90
CA ARG B 200 17.17 6.86 18.96
C ARG B 200 17.49 7.71 20.18
N GLN B 201 18.63 7.40 20.82
CA GLN B 201 19.11 8.23 21.92
C GLN B 201 20.44 8.80 21.43
N SER B 202 20.42 10.09 21.11
CA SER B 202 21.54 10.67 20.38
C SER B 202 21.63 12.18 20.55
N SER B 203 22.86 12.68 20.59
CA SER B 203 23.08 14.12 20.62
C SER B 203 23.02 14.71 19.21
N MSE B 204 22.90 13.85 18.21
CA MSE B 204 23.02 14.34 16.82
C MSE B 204 21.71 14.43 16.05
O MSE B 204 21.73 14.86 14.91
CB MSE B 204 23.98 13.44 16.04
CG MSE B 204 25.40 13.44 16.55
SE MSE B 204 26.47 12.40 15.29
CE MSE B 204 26.06 10.57 15.86
N GLY B 205 20.61 14.01 16.64
CA GLY B 205 19.33 14.14 15.95
C GLY B 205 19.11 13.18 14.80
N GLY B 206 18.29 13.61 13.84
CA GLY B 206 17.70 12.72 12.82
C GLY B 206 18.60 11.97 11.88
N THR B 207 19.85 12.40 11.76
CA THR B 207 20.85 11.71 10.95
C THR B 207 21.48 10.43 11.57
N ASP B 208 21.33 10.26 12.88
CA ASP B 208 21.98 9.17 13.59
C ASP B 208 20.97 8.03 13.74
N VAL B 209 20.88 7.18 12.72
CA VAL B 209 19.95 6.04 12.65
C VAL B 209 18.51 6.46 12.29
N ARG B 210 17.98 5.91 11.19
CA ARG B 210 16.63 6.27 10.74
C ARG B 210 15.59 5.74 11.75
N ARG B 211 14.58 6.55 12.04
CA ARG B 211 13.44 6.14 12.88
C ARG B 211 12.17 6.65 12.21
N ALA B 212 11.19 5.77 12.04
CA ALA B 212 9.94 6.16 11.42
C ALA B 212 8.74 5.47 12.08
N LEU B 213 7.55 5.85 11.62
CA LEU B 213 6.30 5.38 12.23
C LEU B 213 5.65 4.27 11.40
N ASP B 214 6.45 3.39 10.81
CA ASP B 214 5.87 2.32 9.97
C ASP B 214 4.89 1.39 10.72
N LYS B 215 5.17 1.09 11.98
CA LYS B 215 4.28 0.20 12.75
C LYS B 215 2.88 0.82 12.89
N ASP B 216 2.85 2.14 13.06
CA ASP B 216 1.57 2.85 13.26
C ASP B 216 0.74 2.91 11.99
N ILE B 217 1.43 3.04 10.86
CA ILE B 217 0.78 2.96 9.56
C ILE B 217 0.14 1.59 9.42
N GLN B 218 0.91 0.54 9.73
CA GLN B 218 0.41 -0.84 9.69
C GLN B 218 -0.81 -1.02 10.55
N THR B 219 -0.72 -0.57 11.80
CA THR B 219 -1.82 -0.71 12.76
C THR B 219 -3.11 -0.09 12.22
N ALA B 220 -2.99 1.16 11.76
CA ALA B 220 -4.12 1.89 11.23
C ALA B 220 -4.70 1.13 10.05
N SER B 221 -3.86 0.51 9.24
CA SER B 221 -4.34 -0.16 8.02
C SER B 221 -5.04 -1.46 8.39
N GLN B 222 -4.82 -1.92 9.62
CA GLN B 222 -5.34 -3.24 10.04
C GLN B 222 -6.68 -3.18 10.78
N VAL B 223 -7.14 -1.99 11.12
CA VAL B 223 -8.41 -1.92 11.81
C VAL B 223 -9.39 -1.04 11.07
N LYS B 224 -10.66 -1.17 11.43
CA LYS B 224 -11.76 -0.46 10.77
C LYS B 224 -12.52 0.36 11.83
N GLY B 225 -12.71 1.65 11.57
CA GLY B 225 -13.51 2.51 12.49
C GLY B 225 -12.71 3.43 13.42
N LEU B 226 -11.39 3.47 13.24
CA LEU B 226 -10.52 4.34 14.09
C LEU B 226 -10.36 5.71 13.46
N ASP B 227 -10.74 6.75 14.18
CA ASP B 227 -10.59 8.13 13.68
C ASP B 227 -9.21 8.74 13.82
N ILE B 228 -8.63 8.59 15.02
CA ILE B 228 -7.34 9.19 15.32
C ILE B 228 -6.49 8.16 16.06
N LEU B 229 -5.22 8.09 15.70
CA LEU B 229 -4.23 7.23 16.35
C LEU B 229 -3.09 8.15 16.79
N ILE B 230 -2.97 8.37 18.11
CA ILE B 230 -1.85 9.13 18.63
C ILE B 230 -0.81 8.13 19.16
N THR B 231 0.41 8.25 18.66
CA THR B 231 1.41 7.25 18.98
C THR B 231 2.55 7.82 19.80
N GLY B 232 3.11 6.95 20.65
CA GLY B 232 4.36 7.26 21.31
C GLY B 232 5.28 6.06 21.24
N HIS B 233 6.54 6.30 21.57
CA HIS B 233 7.61 5.29 21.68
C HIS B 233 8.77 5.59 20.75
N ALA B 234 8.45 5.94 19.49
CA ALA B 234 9.52 6.18 18.51
C ALA B 234 10.12 7.58 18.62
N HIS B 235 9.41 8.49 19.27
CA HIS B 235 9.80 9.94 19.30
C HIS B 235 9.96 10.52 17.89
N VAL B 236 9.08 10.14 16.99
CA VAL B 236 9.07 10.75 15.65
C VAL B 236 7.81 11.62 15.47
N GLY B 237 8.01 12.93 15.38
CA GLY B 237 6.93 13.90 15.18
C GLY B 237 6.20 13.75 13.86
N THR B 238 4.93 14.13 13.84
CA THR B 238 4.19 14.26 12.57
C THR B 238 3.92 15.75 12.29
N PRO B 239 4.81 16.42 11.53
CA PRO B 239 4.49 17.82 11.21
C PRO B 239 3.18 17.95 10.38
N GLU B 240 2.81 16.91 9.65
CA GLU B 240 1.48 16.82 9.07
C GLU B 240 0.94 15.48 9.50
N PRO B 241 -0.36 15.40 9.75
CA PRO B 241 -0.93 14.11 10.12
C PRO B 241 -0.66 13.11 9.03
N ILE B 242 -0.37 11.85 9.38
CA ILE B 242 -0.27 10.80 8.37
C ILE B 242 -1.64 10.17 8.17
N LYS B 243 -2.15 10.19 6.94
CA LYS B 243 -3.51 9.74 6.74
C LYS B 243 -3.50 8.32 6.20
N VAL B 244 -4.22 7.43 6.87
CA VAL B 244 -4.32 6.04 6.45
C VAL B 244 -5.79 5.68 6.42
N GLY B 245 -6.41 5.67 5.23
CA GLY B 245 -7.86 5.47 5.21
C GLY B 245 -8.51 6.67 5.90
N ASN B 246 -9.49 6.43 6.78
CA ASN B 246 -10.07 7.57 7.53
C ASN B 246 -9.24 7.98 8.77
N THR B 247 -8.29 7.13 9.16
CA THR B 247 -7.46 7.40 10.35
C THR B 247 -6.39 8.46 10.16
N LEU B 248 -6.26 9.37 11.11
CA LEU B 248 -5.14 10.30 11.14
C LEU B 248 -4.19 9.83 12.22
N ILE B 249 -2.91 9.66 11.85
CA ILE B 249 -1.83 9.28 12.78
C ILE B 249 -1.05 10.52 13.22
N LEU B 250 -0.91 10.70 14.53
CA LEU B 250 -0.29 11.91 15.10
C LEU B 250 0.77 11.56 16.15
N SER B 251 1.85 12.32 16.20
CA SER B 251 2.86 12.14 17.22
C SER B 251 3.70 13.41 17.37
N THR B 252 4.53 13.47 18.41
CA THR B 252 5.45 14.62 18.60
C THR B 252 6.89 14.09 18.62
N ASP B 253 7.88 14.98 18.61
CA ASP B 253 9.29 14.59 18.74
C ASP B 253 9.74 14.26 20.18
N SER B 254 8.82 14.30 21.14
CA SER B 254 9.05 13.89 22.54
C SER B 254 9.70 14.99 23.39
N GLY B 255 9.69 14.78 24.71
CA GLY B 255 10.42 15.62 25.66
C GLY B 255 9.81 17.00 25.77
N GLY B 256 8.63 17.17 25.20
CA GLY B 256 7.97 18.48 25.21
C GLY B 256 8.60 19.46 24.24
N ILE B 257 9.44 18.96 23.34
CA ILE B 257 10.05 19.79 22.29
C ILE B 257 8.93 20.39 21.46
N ASP B 258 7.94 19.57 21.12
CA ASP B 258 6.77 20.14 20.45
C ASP B 258 5.46 19.54 20.94
N VAL B 259 4.37 20.26 20.70
CA VAL B 259 3.05 19.86 21.14
C VAL B 259 2.14 19.91 19.92
N GLY B 260 1.35 18.87 19.71
CA GLY B 260 0.50 18.83 18.54
C GLY B 260 -0.90 19.38 18.82
N LYS B 261 -1.44 20.10 17.84
CA LYS B 261 -2.79 20.58 17.93
C LYS B 261 -3.53 20.29 16.62
N LEU B 262 -4.57 19.48 16.71
CA LEU B 262 -5.44 19.20 15.59
C LEU B 262 -6.79 19.84 15.81
N VAL B 263 -7.25 20.61 14.82
CA VAL B 263 -8.59 21.21 14.90
C VAL B 263 -9.47 20.63 13.80
N LEU B 264 -10.55 19.95 14.18
CA LEU B 264 -11.48 19.35 13.24
C LEU B 264 -12.74 20.19 13.15
N ASP B 265 -13.40 20.11 12.00
CA ASP B 265 -14.70 20.71 11.77
C ASP B 265 -15.70 19.57 11.90
N TYR B 266 -16.50 19.57 12.96
CA TYR B 266 -17.40 18.45 13.23
C TYR B 266 -18.85 18.90 13.03
N LYS B 267 -19.67 18.01 12.47
CA LYS B 267 -21.09 18.30 12.18
C LYS B 267 -22.09 17.22 12.63
N GLU B 268 -21.78 16.54 13.73
CA GLU B 268 -22.74 15.63 14.38
C GLU B 268 -23.03 14.30 13.67
N LYS B 269 -22.29 14.00 12.60
CA LYS B 269 -22.35 12.67 12.01
C LYS B 269 -21.16 11.87 12.56
N PRO B 270 -21.42 11.03 13.59
CA PRO B 270 -20.31 10.29 14.22
C PRO B 270 -19.29 9.74 13.22
N HIS B 271 -18.02 9.95 13.54
CA HIS B 271 -16.87 9.51 12.72
C HIS B 271 -16.72 10.28 11.41
N ASN B 272 -17.56 11.30 11.23
CA ASN B 272 -17.45 12.21 10.08
C ASN B 272 -16.98 13.61 10.52
N PHE B 273 -15.88 14.05 9.92
CA PHE B 273 -15.19 15.26 10.36
C PHE B 273 -14.28 15.67 9.21
N THR B 274 -13.90 16.94 9.15
CA THR B 274 -12.81 17.35 8.27
C THR B 274 -11.74 18.12 9.04
N VAL B 275 -10.52 18.11 8.52
CA VAL B 275 -9.40 18.78 9.15
C VAL B 275 -9.44 20.27 8.84
N LYS B 276 -9.67 21.08 9.88
CA LYS B 276 -9.66 22.52 9.71
C LYS B 276 -8.22 23.06 9.79
N ASN B 277 -7.44 22.57 10.76
CA ASN B 277 -6.07 23.02 10.87
C ASN B 277 -5.24 22.00 11.67
N PHE B 278 -3.96 21.90 11.36
CA PHE B 278 -3.05 21.13 12.21
C PHE B 278 -1.74 21.88 12.40
N GLU B 279 -1.16 21.77 13.59
CA GLU B 279 0.14 22.38 13.82
C GLU B 279 0.90 21.56 14.83
N LEU B 280 2.19 21.32 14.58
CA LEU B 280 3.03 20.67 15.57
C LEU B 280 3.95 21.78 16.00
N LYS B 281 3.66 22.39 17.15
CA LYS B 281 4.34 23.64 17.55
C LYS B 281 5.57 23.41 18.41
N THR B 282 6.72 23.93 17.96
CA THR B 282 7.90 23.91 18.81
C THR B 282 7.78 24.86 19.99
N ILE B 283 8.07 24.33 21.18
CA ILE B 283 7.89 25.06 22.42
C ILE B 283 9.21 25.74 22.80
N TYR B 284 9.27 27.05 22.61
CA TYR B 284 10.47 27.76 23.05
C TYR B 284 10.14 28.44 24.36
N ALA B 285 10.98 28.21 25.36
CA ALA B 285 10.68 28.66 26.71
C ALA B 285 10.58 30.18 26.79
N ASP B 286 11.38 30.88 26.00
CA ASP B 286 11.32 32.34 26.04
C ASP B 286 10.04 32.92 25.40
N GLU B 287 9.21 32.07 24.79
CA GLU B 287 7.97 32.56 24.19
C GLU B 287 6.72 32.29 25.01
N TRP B 288 6.87 31.65 26.18
CA TRP B 288 5.73 31.26 26.98
C TRP B 288 5.91 31.73 28.40
N LYS B 289 4.80 31.99 29.05
CA LYS B 289 4.73 32.30 30.47
C LYS B 289 4.37 30.99 31.19
N PRO B 290 5.24 30.51 32.09
CA PRO B 290 5.01 29.23 32.75
C PRO B 290 3.82 29.31 33.70
N ASP B 291 2.92 28.32 33.66
CA ASP B 291 1.82 28.21 34.59
C ASP B 291 2.37 28.17 36.03
N GLN B 292 1.89 29.09 36.87
CA GLN B 292 2.44 29.29 38.20
CA GLN B 292 2.48 29.23 38.18
C GLN B 292 2.23 28.06 39.14
N GLN B 293 1.08 27.39 39.00
CA GLN B 293 0.78 26.25 39.87
C GLN B 293 1.65 25.05 39.52
N THR B 294 1.82 24.77 38.23
CA THR B 294 2.73 23.70 37.78
C THR B 294 4.15 24.04 38.21
N LYS B 295 4.55 25.29 37.98
CA LYS B 295 5.90 25.70 38.36
C LYS B 295 6.07 25.52 39.88
N GLN B 296 5.10 25.95 40.68
CA GLN B 296 5.16 25.75 42.15
C GLN B 296 5.46 24.30 42.55
N VAL B 297 4.72 23.35 41.98
CA VAL B 297 4.88 21.92 42.30
C VAL B 297 6.27 21.39 41.92
N ILE B 298 6.74 21.73 40.73
CA ILE B 298 8.09 21.37 40.30
C ILE B 298 9.14 21.95 41.27
N ASP B 299 8.99 23.23 41.62
CA ASP B 299 9.95 23.88 42.52
C ASP B 299 10.03 23.15 43.88
N GLY B 300 8.87 22.76 44.41
CA GLY B 300 8.79 22.02 45.67
C GLY B 300 9.57 20.71 45.65
N TRP B 301 9.39 19.92 44.59
CA TRP B 301 10.16 18.70 44.43
C TRP B 301 11.66 18.96 44.26
N ASN B 302 12.03 19.99 43.51
CA ASN B 302 13.43 20.29 43.31
C ASN B 302 14.10 20.65 44.63
N LYS B 303 13.34 21.28 45.53
CA LYS B 303 13.90 21.69 46.81
C LYS B 303 14.13 20.48 47.69
N LYS B 304 13.20 19.54 47.66
CA LYS B 304 13.37 18.29 48.38
C LYS B 304 14.59 17.51 47.90
N LEU B 305 14.84 17.50 46.59
CA LEU B 305 15.87 16.64 46.03
C LEU B 305 17.24 17.29 45.97
N ASP B 306 17.26 18.59 46.19
CA ASP B 306 18.44 19.37 45.87
C ASP B 306 19.73 18.98 46.60
N GLU B 307 19.65 18.72 47.90
CA GLU B 307 20.89 18.41 48.62
C GLU B 307 21.51 17.09 48.13
N VAL B 308 20.70 16.15 47.68
CA VAL B 308 21.27 14.93 47.11
C VAL B 308 21.89 15.18 45.73
N VAL B 309 21.20 15.92 44.87
CA VAL B 309 21.66 16.01 43.49
C VAL B 309 22.75 17.04 43.24
N GLN B 310 22.90 18.04 44.13
CA GLN B 310 23.82 19.15 43.89
C GLN B 310 25.31 18.77 44.04
N GLN B 311 25.56 17.70 44.76
CA GLN B 311 26.90 17.19 44.99
C GLN B 311 27.76 17.05 43.72
N THR B 312 28.93 17.70 43.69
CA THR B 312 29.84 17.56 42.56
C THR B 312 30.55 16.23 42.61
N VAL B 313 30.60 15.52 41.48
CA VAL B 313 31.24 14.20 41.45
C VAL B 313 32.41 14.16 40.50
N ALA B 314 32.45 15.11 39.56
CA ALA B 314 33.43 15.08 38.50
C ALA B 314 33.49 16.40 37.78
N GLN B 315 34.27 16.44 36.70
CA GLN B 315 34.25 17.56 35.80
C GLN B 315 34.66 17.12 34.41
N SER B 316 34.25 17.88 33.41
CA SER B 316 34.61 17.60 32.03
C SER B 316 34.96 18.91 31.35
N PRO B 317 35.98 18.89 30.47
CA PRO B 317 36.33 20.09 29.71
C PRO B 317 35.33 20.43 28.63
N VAL B 318 34.55 19.44 28.17
CA VAL B 318 33.59 19.69 27.10
C VAL B 318 32.25 18.98 27.38
N GLU B 319 31.22 19.32 26.61
CA GLU B 319 29.93 18.62 26.75
C GLU B 319 30.10 17.16 26.37
N LEU B 320 29.55 16.26 27.20
CA LEU B 320 29.61 14.84 26.91
C LEU B 320 28.35 14.39 26.16
N LYS B 321 28.56 13.69 25.04
CA LYS B 321 27.51 13.37 24.07
C LYS B 321 27.18 11.88 23.95
N ARG B 322 26.06 11.58 23.28
CA ARG B 322 25.66 10.19 23.10
C ARG B 322 25.36 9.96 21.61
N ALA B 323 25.31 8.71 21.18
CA ALA B 323 25.09 8.39 19.77
C ALA B 323 24.46 7.01 19.74
N TYR B 324 23.68 6.74 18.71
CA TYR B 324 22.87 5.53 18.67
C TYR B 324 23.45 4.51 17.70
N GLY B 325 24.10 5.00 16.64
CA GLY B 325 24.69 4.15 15.61
C GLY B 325 26.20 3.99 15.70
N GLU B 326 26.83 4.62 16.69
CA GLU B 326 28.29 4.56 16.84
C GLU B 326 28.66 4.96 18.26
N SER B 327 29.95 4.85 18.60
CA SER B 327 30.44 5.27 19.91
C SER B 327 30.29 6.76 20.07
N ALA B 328 30.11 7.20 21.31
CA ALA B 328 30.24 8.61 21.67
C ALA B 328 30.76 8.62 23.06
N SER B 329 31.16 9.80 23.53
CA SER B 329 31.84 9.88 24.80
C SER B 329 31.08 9.32 26.01
N LEU B 330 29.76 9.50 26.08
CA LEU B 330 29.02 8.97 27.25
C LEU B 330 28.96 7.44 27.22
N GLY B 331 28.80 6.87 26.03
CA GLY B 331 28.79 5.40 25.97
C GLY B 331 30.18 4.87 26.30
N ASN B 332 31.22 5.56 25.84
CA ASN B 332 32.59 5.12 26.15
C ASN B 332 32.83 5.15 27.64
N LEU B 333 32.44 6.26 28.26
CA LEU B 333 32.55 6.40 29.71
C LEU B 333 31.69 5.36 30.48
N ALA B 334 30.43 5.18 30.10
CA ALA B 334 29.61 4.20 30.81
C ALA B 334 30.24 2.80 30.79
N ALA B 335 30.69 2.38 29.61
CA ALA B 335 31.30 1.05 29.47
C ALA B 335 32.59 0.95 30.28
N ASP B 336 33.43 1.97 30.18
CA ASP B 336 34.66 2.02 31.00
C ASP B 336 34.34 1.96 32.49
N ALA B 337 33.27 2.64 32.92
CA ALA B 337 32.90 2.61 34.34
C ALA B 337 32.44 1.22 34.78
N LEU B 338 31.66 0.56 33.92
CA LEU B 338 31.15 -0.75 34.30
C LEU B 338 32.35 -1.70 34.38
N LEU B 339 33.26 -1.60 33.44
CA LEU B 339 34.49 -2.42 33.46
C LEU B 339 35.27 -2.26 34.75
N ALA B 340 35.56 -1.01 35.11
CA ALA B 340 36.29 -0.69 36.32
C ALA B 340 35.57 -1.26 37.55
N ALA B 341 34.23 -1.12 37.60
CA ALA B 341 33.47 -1.61 38.74
C ALA B 341 33.51 -3.14 38.80
N ALA B 342 33.60 -3.78 37.66
CA ALA B 342 33.59 -5.25 37.61
C ALA B 342 34.89 -5.84 38.17
N GLY B 343 36.02 -5.18 37.94
CA GLY B 343 37.23 -5.68 38.56
C GLY B 343 38.16 -6.35 37.57
N LYS B 344 39.42 -6.51 37.96
CA LYS B 344 40.47 -6.77 36.97
C LYS B 344 40.45 -8.12 36.25
N ASN B 345 39.59 -9.06 36.66
CA ASN B 345 39.44 -10.29 35.88
C ASN B 345 38.52 -10.14 34.66
N THR B 346 37.88 -9.00 34.57
CA THR B 346 36.95 -8.75 33.49
C THR B 346 37.69 -8.08 32.37
N GLN B 347 37.39 -8.48 31.14
CA GLN B 347 38.12 -8.06 29.95
C GLN B 347 37.45 -6.95 29.17
N LEU B 348 36.12 -6.87 29.28
CA LEU B 348 35.38 -5.88 28.50
C LEU B 348 33.98 -5.66 29.08
N ALA B 349 33.39 -4.52 28.75
CA ALA B 349 32.05 -4.19 29.24
C ALA B 349 31.22 -3.67 28.06
N LEU B 350 29.92 -3.96 28.10
CA LEU B 350 28.99 -3.57 27.07
C LEU B 350 27.79 -2.92 27.73
N THR B 351 27.27 -1.87 27.12
CA THR B 351 26.02 -1.30 27.62
C THR B 351 25.22 -0.74 26.44
N ASN B 352 23.93 -0.50 26.63
CA ASN B 352 23.05 -0.16 25.52
C ASN B 352 22.96 1.34 25.32
N SER B 353 22.98 1.76 24.06
CA SER B 353 22.91 3.17 23.69
C SER B 353 21.55 3.77 24.11
N GLY B 354 20.51 2.96 24.07
CA GLY B 354 19.16 3.39 24.54
C GLY B 354 19.09 3.73 26.02
N GLY B 355 20.10 3.33 26.79
CA GLY B 355 20.08 3.52 28.22
C GLY B 355 20.72 4.83 28.62
N ILE B 356 21.09 5.64 27.63
CA ILE B 356 21.86 6.88 27.88
C ILE B 356 20.98 8.03 27.40
N ARG B 357 20.49 8.83 28.35
CA ARG B 357 19.26 9.59 28.11
C ARG B 357 19.44 11.09 28.05
N ASN B 358 20.66 11.57 28.24
CA ASN B 358 20.87 13.01 28.19
C ASN B 358 22.34 13.32 27.96
N GLU B 359 22.63 14.53 27.50
CA GLU B 359 24.02 14.99 27.51
C GLU B 359 24.43 15.33 28.95
N ILE B 360 25.74 15.37 29.21
CA ILE B 360 26.27 15.95 30.45
C ILE B 360 27.05 17.22 30.07
N PRO B 361 26.62 18.40 30.60
CA PRO B 361 27.29 19.65 30.21
C PRO B 361 28.77 19.71 30.57
N ALA B 362 29.50 20.58 29.86
CA ALA B 362 30.87 20.91 30.23
C ALA B 362 30.87 21.52 31.63
N GLY B 363 31.97 21.37 32.36
CA GLY B 363 32.06 21.99 33.69
C GLY B 363 32.00 21.00 34.85
N ALA B 364 31.58 21.45 36.01
CA ALA B 364 31.36 20.53 37.13
C ALA B 364 30.21 19.56 36.87
N ILE B 365 30.44 18.28 37.04
CA ILE B 365 29.42 17.25 36.89
C ILE B 365 28.85 16.94 38.25
N THR B 366 27.52 16.95 38.35
CA THR B 366 26.84 16.74 39.63
C THR B 366 26.16 15.35 39.66
N MSE B 367 25.85 14.90 40.86
CA MSE B 367 25.10 13.66 41.06
C MSE B 367 23.84 13.66 40.19
O MSE B 367 23.55 12.68 39.47
CB MSE B 367 24.76 13.48 42.54
CG MSE B 367 23.92 12.26 42.84
SE MSE B 367 24.83 10.56 42.42
CE MSE B 367 25.86 10.37 44.10
N GLY B 368 23.09 14.76 40.22
CA GLY B 368 21.89 14.88 39.38
C GLY B 368 22.15 14.69 37.90
N GLY B 369 23.24 15.28 37.42
CA GLY B 369 23.62 15.21 36.02
C GLY B 369 23.86 13.78 35.62
N VAL B 370 24.55 13.03 36.48
CA VAL B 370 24.86 11.60 36.16
C VAL B 370 23.57 10.75 36.15
N ILE B 371 22.70 10.97 37.12
CA ILE B 371 21.44 10.22 37.20
C ILE B 371 20.55 10.54 35.98
N SER B 372 20.48 11.81 35.58
CA SER B 372 19.63 12.22 34.45
C SER B 372 20.07 11.51 33.16
N THR B 373 21.37 11.31 33.05
CA THR B 373 21.94 10.60 31.89
C THR B 373 21.79 9.07 32.00
N PHE B 374 21.94 8.53 33.21
CA PHE B 374 21.87 7.07 33.42
C PHE B 374 20.84 6.77 34.50
N PRO B 375 19.54 6.92 34.18
CA PRO B 375 18.46 6.97 35.19
C PRO B 375 17.95 5.61 35.70
N PHE B 376 18.39 4.52 35.08
CA PHE B 376 17.73 3.23 35.27
C PHE B 376 18.31 2.43 36.42
N PRO B 377 17.44 1.67 37.12
CA PRO B 377 17.91 0.71 38.11
C PRO B 377 18.40 -0.55 37.40
N ASN B 378 19.34 -0.38 36.49
CA ASN B 378 19.95 -1.54 35.84
C ASN B 378 21.26 -1.86 36.58
N GLU B 379 21.29 -3.04 37.19
CA GLU B 379 22.35 -3.49 38.11
C GLU B 379 23.53 -4.14 37.40
N LEU B 380 24.72 -3.95 37.94
CA LEU B 380 25.93 -4.54 37.37
C LEU B 380 25.83 -6.07 37.35
N VAL B 381 26.18 -6.63 36.19
CA VAL B 381 26.18 -8.07 36.00
C VAL B 381 27.47 -8.48 35.33
N THR B 382 28.17 -9.48 35.87
CA THR B 382 29.27 -10.07 35.12
C THR B 382 28.91 -11.49 34.71
N MSE B 383 29.48 -11.95 33.60
CA MSE B 383 29.27 -13.31 33.11
C MSE B 383 30.36 -13.64 32.11
O MSE B 383 31.18 -12.79 31.73
CB MSE B 383 27.92 -13.38 32.40
CG MSE B 383 27.88 -12.43 31.20
SE MSE B 383 26.24 -12.51 30.11
CE MSE B 383 25.03 -11.71 31.35
N GLU B 384 30.33 -14.88 31.62
CA GLU B 384 31.23 -15.36 30.57
C GLU B 384 30.42 -15.62 29.30
N LEU B 385 30.95 -15.17 28.19
CA LEU B 385 30.31 -15.41 26.89
C LEU B 385 31.40 -15.88 25.99
N THR B 386 31.06 -16.74 25.03
CA THR B 386 32.01 -17.10 23.97
C THR B 386 32.10 -15.94 22.96
N GLY B 387 33.19 -15.91 22.20
CA GLY B 387 33.36 -15.00 21.06
C GLY B 387 32.23 -15.07 20.05
N LYS B 388 31.70 -16.27 19.84
CA LYS B 388 30.55 -16.44 18.95
C LYS B 388 29.30 -15.74 19.50
N GLN B 389 29.05 -15.87 20.78
CA GLN B 389 27.95 -15.14 21.40
C GLN B 389 28.16 -13.63 21.32
N LEU B 390 29.41 -13.19 21.53
CA LEU B 390 29.75 -11.76 21.42
C LEU B 390 29.53 -11.21 20.00
N ARG B 391 29.92 -11.97 18.99
CA ARG B 391 29.74 -11.54 17.62
C ARG B 391 28.24 -11.45 17.33
N SER B 392 27.47 -12.36 17.91
CA SER B 392 26.02 -12.33 17.73
C SER B 392 25.39 -11.02 18.29
N LEU B 393 25.89 -10.58 19.44
CA LEU B 393 25.42 -9.35 20.06
C LEU B 393 25.82 -8.12 19.20
N MSE B 394 27.04 -8.15 18.67
CA MSE B 394 27.48 -7.12 17.73
C MSE B 394 26.66 -7.10 16.45
O MSE B 394 26.33 -6.03 15.97
CB MSE B 394 28.98 -7.24 17.41
CG MSE B 394 29.86 -7.27 18.63
SE MSE B 394 29.90 -5.62 19.68
CE MSE B 394 30.72 -6.39 21.30
N GLU B 395 26.29 -8.27 15.90
CA GLU B 395 25.42 -8.27 14.70
C GLU B 395 24.03 -7.68 15.03
N HIS B 396 23.50 -8.03 16.20
CA HIS B 396 22.23 -7.40 16.61
C HIS B 396 22.37 -5.89 16.76
N GLY B 397 23.46 -5.42 17.35
CA GLY B 397 23.72 -3.98 17.42
C GLY B 397 23.80 -3.34 16.05
N ALA B 398 24.52 -3.98 15.13
CA ALA B 398 24.67 -3.46 13.78
C ALA B 398 23.41 -3.50 12.94
N SER B 399 22.40 -4.24 13.40
CA SER B 399 21.11 -4.26 12.71
C SER B 399 20.44 -2.90 12.90
N LEU B 400 20.87 -2.19 13.94
CA LEU B 400 20.32 -0.87 14.30
C LEU B 400 18.87 -0.83 14.79
N SER B 401 18.22 -1.97 14.93
CA SER B 401 16.86 -1.98 15.48
C SER B 401 16.78 -1.32 16.84
N ASN B 402 17.85 -1.43 17.63
CA ASN B 402 17.90 -0.87 18.98
C ASN B 402 19.21 -0.15 19.23
N GLY B 403 19.86 0.28 18.16
CA GLY B 403 21.18 0.93 18.31
C GLY B 403 22.31 -0.06 18.56
N VAL B 404 23.53 0.44 18.48
CA VAL B 404 24.71 -0.37 18.74
C VAL B 404 24.95 -0.50 20.24
N LEU B 405 25.68 -1.54 20.64
CA LEU B 405 26.19 -1.58 22.00
C LEU B 405 27.37 -0.62 22.13
N GLN B 406 27.40 0.10 23.25
CA GLN B 406 28.55 0.96 23.60
C GLN B 406 29.56 0.08 24.31
N VAL B 407 30.83 0.24 23.98
CA VAL B 407 31.82 -0.72 24.45
C VAL B 407 33.01 -0.08 25.17
N SER B 408 33.71 -0.90 25.96
CA SER B 408 34.88 -0.41 26.72
C SER B 408 36.18 -0.33 25.92
N LYS B 409 37.17 0.39 26.47
CA LYS B 409 38.43 0.68 25.77
C LYS B 409 39.12 -0.62 25.46
N GLY B 410 39.57 -0.79 24.23
CA GLY B 410 40.22 -2.02 23.84
C GLY B 410 39.33 -2.86 22.94
N LEU B 411 38.01 -2.66 23.03
CA LEU B 411 37.12 -3.32 22.10
C LEU B 411 36.88 -2.43 20.89
N GLU B 412 37.11 -2.96 19.70
CA GLU B 412 36.88 -2.22 18.50
C GLU B 412 35.95 -3.03 17.62
N MSE B 413 34.91 -2.38 17.11
CA MSE B 413 33.99 -3.03 16.20
C MSE B 413 33.69 -2.11 15.01
O MSE B 413 33.42 -0.92 15.18
CB MSE B 413 32.70 -3.45 16.94
CG MSE B 413 31.82 -4.39 16.14
SE MSE B 413 30.66 -3.47 14.87
CE MSE B 413 29.00 -3.48 15.93
N LYS B 414 33.73 -2.65 13.80
CA LYS B 414 33.37 -1.85 12.63
C LYS B 414 32.33 -2.61 11.85
N TYR B 415 31.24 -1.94 11.49
CA TYR B 415 30.21 -2.58 10.69
C TYR B 415 29.88 -1.80 9.45
N ASP B 416 29.13 -2.44 8.56
CA ASP B 416 28.77 -1.83 7.30
C ASP B 416 27.25 -1.96 7.12
N SER B 417 26.53 -0.86 7.29
CA SER B 417 25.08 -0.91 7.26
C SER B 417 24.52 -1.13 5.86
N SER B 418 25.39 -1.33 4.88
CA SER B 418 24.91 -1.60 3.52
C SER B 418 24.76 -3.09 3.27
N LYS B 419 25.26 -3.92 4.18
CA LYS B 419 25.14 -5.36 4.02
C LYS B 419 23.87 -5.87 4.68
N PRO B 420 23.43 -7.09 4.31
CA PRO B 420 22.21 -7.58 4.94
C PRO B 420 22.39 -7.75 6.46
N VAL B 421 21.31 -7.52 7.19
CA VAL B 421 21.26 -7.75 8.63
C VAL B 421 21.76 -9.17 8.96
N GLY B 422 22.64 -9.29 9.95
CA GLY B 422 23.23 -10.58 10.27
C GLY B 422 24.60 -10.80 9.64
N GLN B 423 24.98 -9.94 8.71
CA GLN B 423 26.26 -10.09 8.05
C GLN B 423 26.96 -8.77 7.94
N ARG B 424 26.75 -7.89 8.93
CA ARG B 424 27.27 -6.51 8.87
C ARG B 424 28.59 -6.30 9.57
N VAL B 425 28.93 -7.19 10.50
CA VAL B 425 30.16 -6.96 11.28
C VAL B 425 31.37 -7.24 10.38
N ILE B 426 32.25 -6.26 10.25
CA ILE B 426 33.40 -6.39 9.36
C ILE B 426 34.64 -6.74 10.18
N THR B 427 34.90 -6.00 11.25
CA THR B 427 35.97 -6.39 12.17
C THR B 427 35.50 -6.30 13.61
N LEU B 428 36.09 -7.11 14.47
CA LEU B 428 35.75 -7.11 15.89
C LEU B 428 36.96 -7.59 16.67
N THR B 429 37.65 -6.68 17.36
CA THR B 429 38.88 -7.05 18.05
C THR B 429 38.87 -6.62 19.50
N LEU B 430 39.63 -7.34 20.31
CA LEU B 430 39.84 -6.96 21.68
C LEU B 430 41.34 -6.77 21.83
N ASN B 431 41.75 -5.58 22.27
CA ASN B 431 43.16 -5.30 22.45
C ASN B 431 43.99 -5.67 21.21
N GLY B 432 43.48 -5.36 20.02
CA GLY B 432 44.18 -5.67 18.79
C GLY B 432 43.91 -7.04 18.17
N LYS B 433 43.38 -7.97 18.95
CA LYS B 433 43.26 -9.36 18.52
C LYS B 433 41.83 -9.73 18.13
N PRO B 434 41.64 -10.46 17.01
CA PRO B 434 40.26 -10.79 16.68
C PRO B 434 39.64 -11.60 17.77
N ILE B 435 38.38 -11.28 18.07
CA ILE B 435 37.57 -12.11 18.95
C ILE B 435 37.42 -13.47 18.28
N GLU B 436 37.56 -14.54 19.05
CA GLU B 436 37.50 -15.91 18.50
C GLU B 436 36.27 -16.65 18.97
N ASP B 437 35.58 -17.29 18.02
CA ASP B 437 34.31 -17.98 18.28
C ASP B 437 34.29 -18.84 19.52
N ALA B 438 35.34 -19.62 19.72
CA ALA B 438 35.36 -20.61 20.81
C ALA B 438 35.96 -20.09 22.13
N THR B 439 36.62 -18.94 22.08
CA THR B 439 37.23 -18.43 23.29
C THR B 439 36.13 -17.90 24.23
N VAL B 440 36.31 -18.13 25.53
CA VAL B 440 35.43 -17.59 26.56
C VAL B 440 35.98 -16.24 27.05
N TYR B 441 35.12 -15.23 27.08
CA TYR B 441 35.54 -13.91 27.54
C TYR B 441 34.81 -13.51 28.80
N HIS B 442 35.46 -12.75 29.68
CA HIS B 442 34.84 -12.37 30.93
C HIS B 442 34.33 -10.94 30.73
N ILE B 443 33.02 -10.76 30.80
CA ILE B 443 32.44 -9.47 30.40
C ILE B 443 31.62 -8.86 31.55
N ALA B 444 31.41 -7.55 31.49
CA ALA B 444 30.47 -6.89 32.38
C ALA B 444 29.39 -6.22 31.53
N THR B 445 28.18 -6.16 32.08
CA THR B 445 27.09 -5.42 31.48
C THR B 445 26.15 -5.03 32.61
N GLN B 446 24.88 -4.79 32.30
CA GLN B 446 23.92 -4.51 33.37
C GLN B 446 22.67 -5.37 33.19
N SER B 447 21.78 -5.34 34.18
CA SER B 447 20.72 -6.33 34.26
C SER B 447 19.69 -6.20 33.13
N PHE B 448 19.55 -5.00 32.59
CA PHE B 448 18.61 -4.84 31.47
C PHE B 448 19.08 -5.70 30.29
N LEU B 449 20.34 -5.55 29.90
CA LEU B 449 20.88 -6.36 28.82
C LEU B 449 21.06 -7.83 29.23
N ALA B 450 21.53 -8.08 30.46
CA ALA B 450 21.78 -9.45 30.90
C ALA B 450 20.55 -10.35 30.70
N ASP B 451 19.35 -9.78 30.83
CA ASP B 451 18.10 -10.52 30.64
C ASP B 451 17.57 -10.50 29.19
N GLY B 452 18.35 -10.01 28.25
CA GLY B 452 17.96 -10.08 26.85
C GLY B 452 17.24 -8.80 26.37
N GLY B 453 17.38 -7.73 27.13
CA GLY B 453 16.75 -6.47 26.75
C GLY B 453 17.15 -5.98 25.37
N ASP B 454 16.23 -5.28 24.70
CA ASP B 454 16.52 -4.66 23.41
C ASP B 454 16.84 -5.69 22.34
N GLY B 455 16.36 -6.91 22.53
CA GLY B 455 16.57 -7.97 21.54
C GLY B 455 17.97 -8.57 21.54
N PHE B 456 18.81 -8.21 22.52
CA PHE B 456 20.18 -8.77 22.60
C PHE B 456 20.14 -10.11 23.33
N THR B 457 19.58 -11.11 22.67
CA THR B 457 19.29 -12.39 23.30
C THR B 457 20.45 -13.21 23.85
N ALA B 458 21.61 -13.16 23.18
CA ALA B 458 22.75 -13.97 23.54
C ALA B 458 23.23 -13.68 24.94
N PHE B 459 22.91 -12.50 25.49
CA PHE B 459 23.25 -12.26 26.89
C PHE B 459 22.65 -13.30 27.84
N THR B 460 21.47 -13.85 27.48
CA THR B 460 20.76 -14.79 28.36
C THR B 460 21.46 -16.16 28.41
N GLU B 461 22.41 -16.38 27.50
CA GLU B 461 23.19 -17.61 27.42
C GLU B 461 24.47 -17.55 28.24
N GLY B 462 24.85 -16.35 28.67
CA GLY B 462 26.03 -16.17 29.53
C GLY B 462 26.07 -17.08 30.73
N LYS B 463 27.26 -17.61 31.02
CA LYS B 463 27.50 -18.49 32.18
C LYS B 463 28.21 -17.74 33.32
N ALA B 464 28.32 -18.38 34.49
CA ALA B 464 28.97 -17.79 35.68
C ALA B 464 28.49 -16.37 35.97
N ARG B 465 27.18 -16.23 36.05
CA ARG B 465 26.52 -14.94 36.14
C ARG B 465 26.55 -14.44 37.56
N ASN B 466 26.96 -13.18 37.73
CA ASN B 466 26.96 -12.58 39.05
C ASN B 466 26.31 -11.21 39.00
N ILE B 467 25.29 -10.99 39.81
CA ILE B 467 24.64 -9.68 39.84
C ILE B 467 24.92 -8.94 41.14
N THR B 468 25.20 -7.65 41.05
CA THR B 468 25.36 -6.84 42.27
C THR B 468 24.11 -6.02 42.55
N GLY B 469 23.36 -6.51 43.54
CA GLY B 469 22.08 -5.94 43.94
C GLY B 469 22.14 -4.46 44.26
N GLY B 470 21.29 -3.69 43.61
CA GLY B 470 21.18 -2.28 43.94
C GLY B 470 22.33 -1.41 43.48
N TYR B 471 23.28 -1.99 42.75
CA TYR B 471 24.43 -1.23 42.22
C TYR B 471 24.21 -0.95 40.74
N TYR B 472 23.78 0.28 40.43
CA TYR B 472 23.34 0.66 39.08
C TYR B 472 24.40 1.33 38.26
N VAL B 473 24.13 1.51 36.97
CA VAL B 473 25.07 2.19 36.11
C VAL B 473 25.53 3.53 36.68
N TYR B 474 24.61 4.33 37.20
CA TYR B 474 25.05 5.62 37.73
C TYR B 474 25.99 5.51 38.94
N HIS B 475 25.81 4.48 39.77
CA HIS B 475 26.77 4.19 40.86
C HIS B 475 28.16 3.89 40.30
N ALA B 476 28.23 3.09 39.24
CA ALA B 476 29.49 2.75 38.59
C ALA B 476 30.14 4.02 38.07
N VAL B 477 29.32 4.89 37.49
CA VAL B 477 29.89 6.09 36.89
C VAL B 477 30.46 6.97 38.00
N VAL B 478 29.71 7.12 39.09
CA VAL B 478 30.16 7.94 40.20
C VAL B 478 31.44 7.35 40.82
N ASP B 479 31.46 6.04 41.02
CA ASP B 479 32.65 5.36 41.54
C ASP B 479 33.90 5.48 40.64
N TYR B 480 33.70 5.52 39.33
CA TYR B 480 34.81 5.70 38.39
C TYR B 480 35.57 7.03 38.64
N PHE B 481 34.83 8.12 38.85
CA PHE B 481 35.44 9.42 39.19
C PHE B 481 36.00 9.47 40.61
N LYS B 482 35.28 8.88 41.56
CA LYS B 482 35.73 8.74 42.94
C LYS B 482 37.10 8.02 43.05
N ALA B 483 37.34 7.03 42.20
CA ALA B 483 38.64 6.36 42.11
C ALA B 483 39.75 7.21 41.46
N GLY B 484 39.41 8.43 41.02
CA GLY B 484 40.40 9.35 40.48
C GLY B 484 40.53 9.35 38.97
N ASN B 485 39.70 8.57 38.30
CA ASN B 485 39.68 8.60 36.84
C ASN B 485 39.06 9.86 36.31
N THR B 486 39.46 10.25 35.11
CA THR B 486 38.98 11.48 34.52
C THR B 486 38.45 11.17 33.12
N ILE B 487 37.97 12.19 32.43
CA ILE B 487 37.54 12.00 31.07
C ILE B 487 38.78 12.05 30.17
N THR B 488 39.01 11.01 29.37
CA THR B 488 40.22 10.97 28.54
C THR B 488 39.98 11.40 27.09
N ASP B 489 41.06 11.74 26.37
CA ASP B 489 40.96 12.09 24.95
C ASP B 489 40.31 10.98 24.14
N GLU B 490 40.65 9.73 24.44
CA GLU B 490 40.16 8.62 23.63
C GLU B 490 38.69 8.32 23.96
N GLN B 491 38.27 8.59 25.20
CA GLN B 491 36.83 8.52 25.51
C GLN B 491 36.06 9.56 24.70
N LEU B 492 36.63 10.76 24.58
CA LEU B 492 35.98 11.86 23.89
C LEU B 492 35.92 11.64 22.38
N ASN B 493 36.98 11.07 21.82
CA ASN B 493 37.13 10.96 20.37
C ASN B 493 37.24 9.54 19.81
N GLY B 494 37.42 8.55 20.67
CA GLY B 494 37.60 7.17 20.23
C GLY B 494 36.35 6.61 19.57
N MSE B 495 36.45 6.31 18.28
CA MSE B 495 35.34 5.65 17.58
C MSE B 495 35.45 4.13 17.74
O MSE B 495 35.78 3.42 16.80
CB MSE B 495 35.28 6.04 16.10
CG MSE B 495 34.94 7.50 15.86
SE MSE B 495 33.30 8.01 16.80
CE MSE B 495 32.10 6.80 15.88
N ARG B 496 35.18 3.65 18.94
CA ARG B 496 35.30 2.23 19.23
C ARG B 496 34.30 1.41 18.40
N VAL B 497 33.13 1.97 18.13
CA VAL B 497 32.15 1.36 17.24
C VAL B 497 31.81 2.37 16.16
N LYS B 498 31.77 1.90 14.92
CA LYS B 498 31.68 2.81 13.77
C LYS B 498 31.08 2.11 12.56
N ASP B 499 30.22 2.80 11.82
CA ASP B 499 29.70 2.29 10.56
C ASP B 499 30.74 2.67 9.50
N ILE B 500 31.22 1.71 8.71
CA ILE B 500 32.21 2.06 7.69
C ILE B 500 31.64 1.97 6.29
N LYS B 501 30.31 1.94 6.20
CA LYS B 501 29.63 2.00 4.92
C LYS B 501 30.19 3.21 4.20
N GLU B 502 30.80 3.00 3.04
CA GLU B 502 31.57 4.07 2.39
C GLU B 502 30.69 5.17 1.79
FE FE C . -14.03 -3.32 -26.87
MN MN D . -13.80 -6.68 -26.35
N1 URI E . -5.61 -2.20 -24.23
C2 URI E . -4.24 -2.32 -24.02
N3 URI E . -3.42 -1.82 -25.00
C4 URI E . -3.90 -1.20 -26.15
C5 URI E . -5.35 -1.12 -26.27
C6 URI E . -6.14 -1.58 -25.31
O2 URI E . -3.82 -2.88 -23.03
O4 URI E . -3.10 -0.78 -26.97
C1' URI E . -6.48 -2.76 -23.15
C2' URI E . -6.96 -1.74 -22.10
C3' URI E . -8.48 -1.69 -22.33
C4' URI E . -8.76 -3.09 -22.85
O2' URI E . -6.63 -2.25 -20.80
O3' URI E . -9.28 -1.42 -21.11
O4' URI E . -7.61 -3.41 -23.71
C5' URI E . -10.07 -3.17 -23.62
O5' URI E . -10.33 -4.51 -24.02
CL CL F . -19.07 4.53 -24.26
FE FE G . 8.49 4.02 24.92
MN MN H . 9.71 7.18 24.99
N1 URI I . 15.92 0.90 28.73
C2 URI I . 17.05 0.73 29.53
N3 URI I . 16.83 0.13 30.74
C4 URI I . 15.61 -0.30 31.22
C5 URI I . 14.47 -0.10 30.33
C6 URI I . 14.67 0.49 29.12
O2 URI I . 18.15 1.10 29.17
O4 URI I . 15.55 -0.83 32.34
C1' URI I . 16.15 1.53 27.42
C2' URI I . 16.33 0.51 26.29
C3' URI I . 15.11 0.70 25.41
C4' URI I . 14.82 2.15 25.66
O2' URI I . 17.47 0.85 25.54
O3' URI I . 15.35 0.56 23.98
O4' URI I . 15.04 2.33 27.09
C5' URI I . 13.39 2.59 25.35
O5' URI I . 13.37 3.99 25.51
CL CL J . 5.12 -2.77 18.89
#